data_9OP3
#
_entry.id   9OP3
#
_cell.length_a   170.000
_cell.length_b   63.210
_cell.length_c   142.200
_cell.angle_alpha   90.00
_cell.angle_beta   118.13
_cell.angle_gamma   90.00
#
_symmetry.space_group_name_H-M   'C 1 2 1'
#
loop_
_entity.id
_entity.type
_entity.pdbx_description
1 polymer 'Double-stranded RNA-specific editase 1'
2 polymer 'RNA 32mer Top Strand'
3 polymer 'RNA 32mer 2F Bottom Strand'
4 non-polymer 'INOSITOL HEXAKISPHOSPHATE'
5 non-polymer 'ZINC ION'
6 non-polymer 1,2-ETHANEDIOL
7 non-polymer 'SODIUM ION'
8 water water
#
loop_
_entity_poly.entity_id
_entity_poly.type
_entity_poly.pdbx_seq_one_letter_code
_entity_poly.pdbx_strand_id
1 'polypeptide(L)'
;GASLAQPPLPVLPPFPPPSGKNPVMILNELRPGLKYDFLSESGESHAKSFVMSVVVDGQFFEGSGRNKKLAKARAAQSAL
AAIFNLHLDQTPSRQPIPSEGLQLHLPQVLADAVSRLVLGKFGDLTDNFSSPHARRKVLAGVVMTTGTDVKDAKVISVST
GTKCINGEYMSDRGLALNDCHAEIISRRSLLRFLYTQLELYLNNKDDQKRSIFQKSERGGFRLKENVQFHLYISTSPCGD
ARIFSPHEPILEEPADRHPNRKARGQLRTKIESGQGTIPVRSNASIQTWDGVLQGERLLTMSCSDKIARWNVVGIQGSLL
SIFVEPIYFSSIILGSLYHGDHLSRAMYQRISNIEDLPPLYTLNKPLLSGISNAEARQPGKAPNFSVNWTVGDSAIEVIN
ATTGKDELGRASRLCKHALYCRWMRVHGKVPSHLLRSKITKPNVYHESKLAAKEYQAAKARLFTAFIKAGLGAWVEKPTE
QDQFSLTP
;
A,B
2 'polyribonucleotide' GCUCGCGAUGCU(8AZ)GAGGGCUCUGAUAGCUACG C
3 'polyribonucleotide' CGUAGC(UFT)AUCAGAGCCCCCCAGCAUCGCGAGC D
#
loop_
_chem_comp.id
_chem_comp.type
_chem_comp.name
_chem_comp.formula
8AZ RNA linking 8-aza-nebularine-5'-monophosphate 'C9 H14 N5 O8 P'
A RNA linking ADENOSINE-5'-MONOPHOSPHATE 'C10 H14 N5 O7 P'
C RNA linking CYTIDINE-5'-MONOPHOSPHATE 'C9 H14 N3 O8 P'
EDO non-polymer 1,2-ETHANEDIOL 'C2 H6 O2'
G RNA linking GUANOSINE-5'-MONOPHOSPHATE 'C10 H14 N5 O8 P'
IHP non-polymer 'INOSITOL HEXAKISPHOSPHATE' 'C6 H18 O24 P6'
NA non-polymer 'SODIUM ION' 'Na 1'
U RNA linking URIDINE-5'-MONOPHOSPHATE 'C9 H13 N2 O9 P'
UFT DNA linking '2'-deoxy-2'-fluorouridine 5'-(dihydrogen phosphate)' 'C9 H12 F N2 O8 P'
ZN non-polymer 'ZINC ION' 'Zn 2'
#
# COMPACT_ATOMS: atom_id res chain seq x y z
N GLN A 103 -21.34 40.48 21.03
CA GLN A 103 -21.41 40.00 22.42
C GLN A 103 -22.69 39.17 22.65
N LEU A 104 -23.72 39.38 21.81
CA LEU A 104 -24.89 38.51 21.72
C LEU A 104 -24.70 37.50 20.59
N HIS A 105 -25.65 36.55 20.46
CA HIS A 105 -25.51 35.45 19.49
C HIS A 105 -26.74 35.23 18.60
N LEU A 106 -26.81 35.99 17.47
CA LEU A 106 -27.55 35.71 16.24
C LEU A 106 -26.57 35.25 15.14
N PRO A 107 -27.02 34.47 14.15
CA PRO A 107 -26.07 33.59 13.43
C PRO A 107 -24.87 34.28 12.80
N GLN A 108 -25.07 35.47 12.24
CA GLN A 108 -23.96 36.17 11.58
C GLN A 108 -22.94 36.66 12.58
N VAL A 109 -23.38 37.21 13.71
CA VAL A 109 -22.38 37.65 14.67
C VAL A 109 -21.75 36.47 15.39
N LEU A 110 -22.46 35.34 15.52
CA LEU A 110 -21.80 34.13 16.02
C LEU A 110 -20.67 33.71 15.11
N ALA A 111 -20.95 33.67 13.80
CA ALA A 111 -19.90 33.31 12.85
C ALA A 111 -18.72 34.27 12.93
N ASP A 112 -19.01 35.58 12.96
CA ASP A 112 -17.96 36.58 13.04
C ASP A 112 -17.18 36.45 14.34
N ALA A 113 -17.86 36.06 15.42
CA ALA A 113 -17.17 35.90 16.70
C ALA A 113 -16.21 34.71 16.67
N VAL A 114 -16.68 33.53 16.21
CA VAL A 114 -15.78 32.37 16.16
C VAL A 114 -14.59 32.67 15.25
N SER A 115 -14.83 33.35 14.12
CA SER A 115 -13.71 33.73 13.27
C SER A 115 -12.73 34.62 14.03
N ARG A 116 -13.27 35.65 14.72
CA ARG A 116 -12.45 36.52 15.56
CA ARG A 116 -12.40 36.51 15.53
C ARG A 116 -11.62 35.71 16.56
N LEU A 117 -12.27 34.79 17.25
CA LEU A 117 -11.63 34.05 18.32
C LEU A 117 -10.50 33.16 17.80
N VAL A 118 -10.75 32.40 16.72
CA VAL A 118 -9.71 31.49 16.24
C VAL A 118 -8.53 32.30 15.72
N LEU A 119 -8.79 33.39 14.98
CA LEU A 119 -7.70 34.26 14.57
C LEU A 119 -6.89 34.73 15.77
N GLY A 120 -7.58 35.30 16.78
CA GLY A 120 -6.87 35.87 17.91
C GLY A 120 -6.07 34.84 18.68
N LYS A 121 -6.65 33.65 18.87
CA LYS A 121 -5.89 32.60 19.55
C LYS A 121 -4.65 32.26 18.74
N PHE A 122 -4.81 32.14 17.43
CA PHE A 122 -3.69 31.83 16.57
C PHE A 122 -2.59 32.87 16.72
N GLY A 123 -2.99 34.14 16.77
CA GLY A 123 -2.02 35.21 16.97
C GLY A 123 -1.29 35.07 18.29
N ASP A 124 -2.03 34.88 19.38
CA ASP A 124 -1.37 34.70 20.67
C ASP A 124 -0.34 33.59 20.61
N LEU A 125 -0.68 32.47 19.96
CA LEU A 125 0.24 31.33 19.88
C LEU A 125 1.38 31.53 18.89
N THR A 126 1.31 32.53 18.02
CA THR A 126 2.34 32.75 17.02
C THR A 126 3.07 34.09 17.22
N ASP A 127 3.20 34.54 18.47
CA ASP A 127 3.93 35.77 18.82
C ASP A 127 3.39 36.98 18.04
N ASN A 128 2.08 37.19 18.16
CA ASN A 128 1.34 38.14 17.32
C ASN A 128 1.68 37.94 15.84
N PHE A 129 1.37 36.75 15.34
CA PHE A 129 1.51 36.40 13.93
C PHE A 129 2.92 36.61 13.38
N SER A 130 3.90 36.84 14.25
CA SER A 130 5.26 37.06 13.80
C SER A 130 6.08 35.77 13.76
N SER A 131 5.57 34.70 14.35
CA SER A 131 6.29 33.42 14.33
C SER A 131 6.41 32.90 12.89
N PRO A 132 7.46 32.13 12.61
CA PRO A 132 7.52 31.45 11.31
C PRO A 132 6.36 30.49 11.10
N HIS A 133 5.77 29.98 12.17
CA HIS A 133 4.64 29.08 12.07
C HIS A 133 3.31 29.79 11.98
N ALA A 134 3.32 31.07 11.64
CA ALA A 134 2.08 31.77 11.31
C ALA A 134 1.78 31.72 9.82
N ARG A 135 2.72 31.29 8.99
CA ARG A 135 2.41 31.21 7.57
C ARG A 135 1.46 30.04 7.33
N ARG A 136 0.43 30.30 6.52
CA ARG A 136 -0.67 29.36 6.39
C ARG A 136 -1.43 29.68 5.12
N LYS A 137 -2.08 28.68 4.54
CA LYS A 137 -3.08 28.95 3.52
C LYS A 137 -4.49 28.69 4.01
N VAL A 138 -4.65 27.83 5.01
CA VAL A 138 -5.95 27.48 5.55
C VAL A 138 -5.82 27.41 7.06
N LEU A 139 -6.73 28.07 7.75
CA LEU A 139 -6.79 28.00 9.19
C LEU A 139 -8.15 27.44 9.57
N ALA A 140 -8.19 26.65 10.64
CA ALA A 140 -9.42 26.05 11.10
C ALA A 140 -9.34 25.93 12.62
N GLY A 141 -10.49 25.91 13.26
CA GLY A 141 -10.54 26.03 14.71
C GLY A 141 -11.84 25.47 15.23
N VAL A 142 -11.83 25.07 16.50
CA VAL A 142 -13.08 24.72 17.17
C VAL A 142 -13.27 25.64 18.35
N VAL A 143 -14.49 26.15 18.50
CA VAL A 143 -14.85 27.02 19.61
C VAL A 143 -16.03 26.39 20.33
N MET A 144 -15.95 26.36 21.65
CA MET A 144 -17.01 25.85 22.52
C MET A 144 -17.82 27.01 23.09
N THR A 145 -19.14 26.85 23.11
CA THR A 145 -20.04 27.83 23.73
C THR A 145 -20.80 27.19 24.87
N THR A 146 -21.00 27.99 25.93
CA THR A 146 -21.86 27.63 27.06
C THR A 146 -23.02 28.60 27.24
N GLY A 147 -23.18 29.57 26.35
CA GLY A 147 -24.30 30.50 26.46
C GLY A 147 -24.28 31.54 25.37
N THR A 148 -25.23 32.46 25.45
CA THR A 148 -25.38 33.56 24.49
C THR A 148 -24.30 34.63 24.66
N ASP A 149 -23.29 34.37 25.47
CA ASP A 149 -22.29 35.37 25.82
C ASP A 149 -20.94 34.94 25.26
N VAL A 150 -20.32 35.83 24.48
CA VAL A 150 -18.93 35.64 24.05
C VAL A 150 -18.01 35.52 25.26
N LYS A 151 -18.45 35.99 26.42
CA LYS A 151 -17.69 35.78 27.64
C LYS A 151 -17.50 34.29 27.94
N ASP A 152 -18.56 33.50 27.73
CA ASP A 152 -18.55 32.06 28.01
C ASP A 152 -17.93 31.24 26.89
N ALA A 153 -17.62 31.87 25.74
CA ALA A 153 -17.11 31.16 24.57
C ALA A 153 -15.60 30.96 24.64
N LYS A 154 -15.14 29.75 24.41
CA LYS A 154 -13.73 29.41 24.57
C LYS A 154 -13.21 28.68 23.34
N VAL A 155 -11.97 28.97 22.95
CA VAL A 155 -11.38 28.41 21.74
C VAL A 155 -10.75 27.06 22.07
N ILE A 156 -11.43 25.96 21.72
CA ILE A 156 -11.00 24.59 22.04
C ILE A 156 -9.74 24.19 21.28
N SER A 157 -9.64 24.52 19.98
CA SER A 157 -8.46 24.14 19.19
C SER A 157 -8.30 25.07 17.99
N VAL A 158 -7.06 25.12 17.49
CA VAL A 158 -6.75 25.78 16.22
C VAL A 158 -5.73 24.95 15.46
N SER A 159 -5.71 25.11 14.15
CA SER A 159 -4.83 24.29 13.33
C SER A 159 -4.76 24.88 11.93
N THR A 160 -3.80 24.39 11.16
CA THR A 160 -3.57 24.83 9.79
C THR A 160 -3.16 23.60 8.97
N GLY A 161 -3.29 23.68 7.67
CA GLY A 161 -2.70 22.66 6.83
C GLY A 161 -3.54 22.37 5.60
N THR A 162 -2.87 22.00 4.52
CA THR A 162 -3.59 21.80 3.27
C THR A 162 -3.17 20.52 2.57
N LYS A 163 -2.51 19.58 3.27
CA LYS A 163 -1.93 18.41 2.62
C LYS A 163 -2.16 17.14 3.42
N CYS A 164 -2.04 16.00 2.73
CA CYS A 164 -2.21 14.66 3.29
C CYS A 164 -0.93 13.87 3.11
N ILE A 165 -0.89 12.73 3.81
CA ILE A 165 0.32 11.95 3.93
C ILE A 165 0.74 11.34 2.60
N ASN A 166 2.04 11.24 2.41
CA ASN A 166 2.58 10.50 1.28
C ASN A 166 2.38 9.01 1.51
N GLY A 167 2.09 8.27 0.44
CA GLY A 167 1.80 6.85 0.59
C GLY A 167 2.88 6.07 1.34
N GLU A 168 4.16 6.39 1.08
CA GLU A 168 5.27 5.68 1.70
C GLU A 168 5.27 5.77 3.23
N TYR A 169 4.58 6.76 3.79
CA TYR A 169 4.71 7.14 5.19
C TYR A 169 3.52 6.74 6.03
N MET A 170 2.60 5.92 5.51
CA MET A 170 1.59 5.36 6.39
C MET A 170 2.26 4.51 7.46
N SER A 171 1.74 4.58 8.68
CA SER A 171 2.35 3.92 9.84
C SER A 171 1.55 2.69 10.23
N ASP A 172 2.18 1.50 10.18
CA ASP A 172 1.48 0.33 10.71
C ASP A 172 1.38 0.37 12.21
N ARG A 173 1.81 1.42 12.89
CA ARG A 173 1.65 1.50 14.34
C ARG A 173 0.79 2.67 14.76
N GLY A 174 0.21 3.40 13.83
CA GLY A 174 -0.68 4.49 14.20
C GLY A 174 0.04 5.73 14.70
N LEU A 175 1.27 5.96 14.24
CA LEU A 175 2.14 7.07 14.68
C LEU A 175 2.13 8.28 13.74
N ALA A 176 1.43 8.19 12.60
CA ALA A 176 1.44 9.24 11.60
C ALA A 176 0.06 9.84 11.42
N LEU A 177 0.00 11.07 10.92
CA LEU A 177 -1.26 11.71 10.59
C LEU A 177 -1.48 11.57 9.09
N ASN A 178 -2.61 10.95 8.74
CA ASN A 178 -2.97 10.67 7.35
C ASN A 178 -3.48 11.89 6.62
N ASP A 179 -4.11 12.82 7.33
CA ASP A 179 -4.89 13.85 6.69
C ASP A 179 -4.67 15.12 7.48
N CYS A 180 -3.92 16.08 6.92
CA CYS A 180 -3.60 17.32 7.62
C CYS A 180 -4.32 18.52 7.04
N HIS A 181 -5.42 18.31 6.34
CA HIS A 181 -6.28 19.44 6.07
C HIS A 181 -6.71 20.02 7.41
N ALA A 182 -6.71 21.36 7.50
CA ALA A 182 -6.79 22.01 8.80
C ALA A 182 -8.04 21.59 9.57
N GLU A 183 -9.17 21.37 8.88
CA GLU A 183 -10.38 21.02 9.60
C GLU A 183 -10.37 19.59 10.16
N ILE A 184 -9.77 18.63 9.44
CA ILE A 184 -9.55 17.31 10.03
C ILE A 184 -8.73 17.44 11.32
N ILE A 185 -7.62 18.22 11.25
CA ILE A 185 -6.75 18.35 12.43
C ILE A 185 -7.51 18.97 13.59
N SER A 186 -8.34 19.98 13.31
CA SER A 186 -9.10 20.60 14.39
C SER A 186 -10.05 19.58 15.06
N ARG A 187 -10.68 18.68 14.29
CA ARG A 187 -11.49 17.67 14.99
C ARG A 187 -10.61 16.80 15.90
N ARG A 188 -9.46 16.33 15.39
CA ARG A 188 -8.61 15.50 16.24
C ARG A 188 -8.19 16.23 17.51
N SER A 189 -7.84 17.52 17.42
CA SER A 189 -7.51 18.27 18.63
C SER A 189 -8.71 18.34 19.58
N LEU A 190 -9.92 18.47 19.02
CA LEU A 190 -11.13 18.38 19.84
C LEU A 190 -11.22 17.04 20.57
N LEU A 191 -10.82 15.95 19.95
CA LEU A 191 -10.82 14.67 20.68
C LEU A 191 -9.86 14.71 21.87
N ARG A 192 -8.69 15.37 21.71
CA ARG A 192 -7.82 15.48 22.88
C ARG A 192 -8.54 16.20 24.01
N PHE A 193 -9.25 17.27 23.65
CA PHE A 193 -10.01 17.99 24.66
C PHE A 193 -11.07 17.12 25.33
N LEU A 194 -11.81 16.34 24.54
CA LEU A 194 -12.84 15.45 25.11
C LEU A 194 -12.23 14.44 26.06
N TYR A 195 -11.10 13.83 25.69
CA TYR A 195 -10.47 12.89 26.61
C TYR A 195 -10.06 13.60 27.90
N THR A 196 -9.43 14.77 27.78
CA THR A 196 -9.04 15.48 28.97
C THR A 196 -10.25 15.82 29.85
N GLN A 197 -11.39 16.15 29.25
CA GLN A 197 -12.55 16.48 30.07
C GLN A 197 -13.10 15.23 30.76
N LEU A 198 -12.99 14.05 30.14
CA LEU A 198 -13.38 12.83 30.86
C LEU A 198 -12.48 12.61 32.09
N GLU A 199 -11.16 12.76 31.93
CA GLU A 199 -10.27 12.56 33.07
C GLU A 199 -10.51 13.61 34.15
N LEU A 200 -10.72 14.86 33.75
CA LEU A 200 -11.10 15.90 34.70
C LEU A 200 -12.34 15.51 35.47
N TYR A 201 -13.35 14.98 34.76
CA TYR A 201 -14.56 14.52 35.44
C TYR A 201 -14.20 13.53 36.52
N LEU A 202 -13.53 12.45 36.17
CA LEU A 202 -13.48 11.40 37.17
C LEU A 202 -12.23 11.48 38.05
N ASN A 203 -11.64 12.68 38.19
CA ASN A 203 -10.50 12.90 39.08
C ASN A 203 -10.88 12.78 40.56
N ASN A 204 -11.95 13.48 40.96
CA ASN A 204 -12.55 13.43 42.29
C ASN A 204 -13.91 14.09 42.19
N LYS A 205 -14.78 13.85 43.19
CA LYS A 205 -16.14 14.36 43.07
C LYS A 205 -16.20 15.89 43.09
N ASP A 206 -15.15 16.57 43.54
CA ASP A 206 -15.12 18.03 43.46
C ASP A 206 -14.70 18.54 42.09
N ASP A 207 -13.84 17.82 41.38
CA ASP A 207 -13.50 18.28 40.04
C ASP A 207 -14.66 18.06 39.05
N GLN A 208 -15.55 17.10 39.33
CA GLN A 208 -16.57 16.68 38.37
C GLN A 208 -17.43 17.85 37.91
N LYS A 209 -17.65 18.85 38.77
CA LYS A 209 -18.54 19.94 38.43
C LYS A 209 -17.93 20.90 37.40
N ARG A 210 -16.63 20.79 37.13
CA ARG A 210 -15.98 21.62 36.12
C ARG A 210 -15.72 20.88 34.82
N SER A 211 -16.06 19.60 34.74
CA SER A 211 -15.96 18.88 33.48
C SER A 211 -17.20 19.16 32.63
N ILE A 212 -17.00 19.22 31.31
CA ILE A 212 -18.13 19.46 30.41
C ILE A 212 -19.08 18.28 30.31
N PHE A 213 -18.73 17.13 30.87
CA PHE A 213 -19.56 15.94 30.79
C PHE A 213 -20.33 15.68 32.09
N GLN A 214 -21.46 15.00 31.94
CA GLN A 214 -22.12 14.38 33.07
C GLN A 214 -22.33 12.91 32.78
N LYS A 215 -22.88 12.22 33.76
CA LYS A 215 -23.36 10.87 33.54
C LYS A 215 -24.69 10.92 32.78
N SER A 216 -24.97 9.85 32.05
CA SER A 216 -26.11 9.80 31.16
C SER A 216 -27.12 8.75 31.63
N GLU A 217 -28.40 9.13 31.50
CA GLU A 217 -29.52 8.24 31.80
C GLU A 217 -29.43 6.93 31.02
N ARG A 218 -28.82 6.96 29.84
CA ARG A 218 -28.74 5.78 29.00
C ARG A 218 -27.41 5.03 29.17
N GLY A 219 -26.66 5.32 30.22
CA GLY A 219 -25.36 4.71 30.43
C GLY A 219 -24.26 5.55 29.83
N GLY A 220 -23.03 5.36 30.34
CA GLY A 220 -21.97 6.22 29.83
C GLY A 220 -22.16 7.70 30.19
N PHE A 221 -21.50 8.55 29.39
CA PHE A 221 -21.42 9.99 29.62
C PHE A 221 -21.99 10.80 28.47
N ARG A 222 -22.45 12.00 28.79
CA ARG A 222 -22.94 12.90 27.76
C ARG A 222 -22.49 14.33 28.11
N LEU A 223 -22.58 15.21 27.13
CA LEU A 223 -22.31 16.61 27.36
C LEU A 223 -23.38 17.21 28.29
N LYS A 224 -22.98 18.18 29.09
CA LYS A 224 -23.96 18.98 29.80
C LYS A 224 -24.66 19.89 28.82
N GLU A 225 -25.90 20.25 29.14
CA GLU A 225 -26.72 21.08 28.25
C GLU A 225 -26.03 22.38 27.87
N ASN A 226 -26.50 23.00 26.78
CA ASN A 226 -25.98 24.26 26.24
C ASN A 226 -24.44 24.30 26.16
N VAL A 227 -23.80 23.13 26.09
CA VAL A 227 -22.41 23.03 25.64
C VAL A 227 -22.41 22.66 24.16
N GLN A 228 -21.88 23.55 23.32
CA GLN A 228 -21.91 23.34 21.87
C GLN A 228 -20.54 23.55 21.26
N PHE A 229 -20.34 22.98 20.07
CA PHE A 229 -19.06 23.06 19.39
C PHE A 229 -19.25 23.60 17.98
N HIS A 230 -18.47 24.61 17.63
CA HIS A 230 -18.55 25.28 16.35
C HIS A 230 -17.24 25.08 15.62
N LEU A 231 -17.33 24.63 14.36
CA LEU A 231 -16.18 24.44 13.50
C LEU A 231 -15.97 25.70 12.70
N TYR A 232 -14.72 26.15 12.59
CA TYR A 232 -14.38 27.27 11.72
C TYR A 232 -13.35 26.78 10.71
N ILE A 233 -13.54 27.11 9.44
CA ILE A 233 -12.55 26.85 8.41
C ILE A 233 -12.36 28.15 7.64
N SER A 234 -11.10 28.52 7.35
CA SER A 234 -10.88 29.72 6.58
C SER A 234 -11.34 29.57 5.13
N THR A 235 -11.69 28.37 4.68
CA THR A 235 -12.12 28.20 3.28
C THR A 235 -13.06 26.99 3.22
N SER A 236 -13.67 26.77 2.05
CA SER A 236 -14.62 25.66 2.00
C SER A 236 -13.89 24.33 1.93
N PRO A 237 -14.50 23.26 2.43
CA PRO A 237 -13.82 21.96 2.50
C PRO A 237 -13.81 21.27 1.14
N CYS A 238 -12.65 20.70 0.77
CA CYS A 238 -12.50 20.05 -0.55
C CYS A 238 -13.55 19.00 -0.82
N GLY A 239 -13.82 18.72 -2.09
CA GLY A 239 -14.86 17.77 -2.41
C GLY A 239 -16.12 18.52 -2.78
N ASP A 240 -17.26 17.96 -2.40
CA ASP A 240 -18.52 18.43 -2.98
C ASP A 240 -18.85 19.88 -2.61
N ALA A 241 -18.35 20.39 -1.48
CA ALA A 241 -18.65 21.77 -1.09
C ALA A 241 -17.80 22.77 -1.84
N ARG A 242 -16.78 22.33 -2.56
CA ARG A 242 -15.86 23.27 -3.17
C ARG A 242 -15.60 23.03 -4.66
N ILE A 243 -15.52 21.75 -5.08
CA ILE A 243 -14.92 21.42 -6.38
C ILE A 243 -15.54 22.26 -7.48
N PHE A 244 -16.86 22.42 -7.44
CA PHE A 244 -17.56 23.09 -8.54
C PHE A 244 -17.31 24.58 -8.57
N SER A 245 -16.97 25.22 -7.44
CA SER A 245 -16.71 26.67 -7.39
C SER A 245 -15.61 26.99 -6.40
N PRO A 246 -14.38 26.83 -6.80
CA PRO A 246 -13.25 27.08 -5.88
C PRO A 246 -12.96 28.58 -5.72
N HIS A 247 -13.92 29.43 -6.00
CA HIS A 247 -13.68 30.86 -5.99
C HIS A 247 -14.71 31.58 -5.14
N GLU A 248 -14.34 32.77 -4.70
CA GLU A 248 -15.26 33.60 -3.94
C GLU A 248 -16.50 33.83 -4.79
N PRO A 249 -17.69 33.83 -4.19
CA PRO A 249 -18.91 34.04 -4.97
C PRO A 249 -19.11 35.51 -5.35
N ILE A 250 -19.96 35.70 -6.35
CA ILE A 250 -20.29 37.00 -6.94
C ILE A 250 -21.80 37.22 -6.85
N LEU A 251 -22.20 38.50 -6.81
CA LEU A 251 -23.62 38.79 -6.73
C LEU A 251 -24.36 38.29 -7.97
N GLU A 252 -23.67 38.20 -9.12
CA GLU A 252 -24.29 37.83 -10.39
C GLU A 252 -24.36 36.30 -10.51
N GLU A 253 -25.58 35.75 -10.50
CA GLU A 253 -25.87 34.32 -10.56
C GLU A 253 -25.03 33.56 -9.54
N PRO A 254 -25.38 33.65 -8.26
CA PRO A 254 -24.57 32.96 -7.24
C PRO A 254 -24.79 31.46 -7.18
N ALA A 255 -26.00 30.98 -7.54
CA ALA A 255 -26.35 29.58 -7.34
C ALA A 255 -25.97 28.73 -8.54
N ASP A 256 -25.99 27.41 -8.32
CA ASP A 256 -25.50 26.43 -9.28
C ASP A 256 -26.46 26.33 -10.44
N ARG A 257 -25.92 26.44 -11.66
CA ARG A 257 -26.78 26.36 -12.83
C ARG A 257 -27.15 24.93 -13.22
N HIS A 258 -26.47 23.90 -12.69
CA HIS A 258 -26.65 22.51 -13.14
C HIS A 258 -26.67 21.53 -11.98
N PRO A 259 -27.64 21.67 -11.07
CA PRO A 259 -27.65 20.82 -9.88
C PRO A 259 -28.11 19.39 -10.14
N ASN A 260 -28.52 19.03 -11.35
CA ASN A 260 -28.93 17.66 -11.58
C ASN A 260 -27.89 16.84 -12.31
N ARG A 261 -26.68 17.37 -12.49
CA ARG A 261 -25.64 16.56 -13.09
C ARG A 261 -25.24 15.40 -12.17
N LYS A 262 -24.85 14.28 -12.76
CA LYS A 262 -24.48 13.16 -11.89
C LYS A 262 -23.23 13.47 -11.07
N ALA A 263 -22.42 14.45 -11.45
CA ALA A 263 -21.27 14.78 -10.59
C ALA A 263 -21.70 15.40 -9.28
N ARG A 264 -22.93 15.90 -9.19
CA ARG A 264 -23.37 16.61 -7.99
C ARG A 264 -23.56 15.60 -6.85
N GLY A 265 -22.93 15.86 -5.71
CA GLY A 265 -23.09 15.05 -4.52
C GLY A 265 -22.15 13.87 -4.43
N GLN A 266 -21.47 13.52 -5.50
CA GLN A 266 -20.61 12.35 -5.52
C GLN A 266 -19.60 12.33 -4.39
N LEU A 267 -19.44 11.17 -3.75
CA LEU A 267 -18.26 10.95 -2.91
C LEU A 267 -16.98 11.14 -3.75
N ARG A 268 -16.02 11.87 -3.21
CA ARG A 268 -14.79 12.13 -3.94
C ARG A 268 -13.57 11.98 -3.03
N THR A 269 -12.52 11.39 -3.57
CA THR A 269 -11.29 11.19 -2.83
C THR A 269 -10.29 12.28 -3.20
N LYS A 270 -9.65 12.89 -2.19
CA LYS A 270 -8.33 13.44 -2.42
C LYS A 270 -7.49 12.33 -3.05
N ILE A 271 -6.72 12.66 -4.08
CA ILE A 271 -5.89 11.66 -4.72
C ILE A 271 -4.45 12.10 -4.53
N GLU A 272 -3.64 11.19 -3.98
CA GLU A 272 -2.22 11.45 -3.76
C GLU A 272 -1.58 11.89 -5.07
N SER A 273 -0.74 12.93 -4.99
CA SER A 273 0.11 13.43 -6.09
C SER A 273 -0.69 13.96 -7.26
N GLY A 274 -2.00 14.05 -7.15
CA GLY A 274 -2.82 14.58 -8.20
C GLY A 274 -3.60 15.77 -7.67
N GLN A 275 -3.98 16.65 -8.57
CA GLN A 275 -4.93 17.70 -8.25
C GLN A 275 -6.34 17.14 -8.17
N GLY A 276 -7.24 17.99 -7.70
CA GLY A 276 -8.66 17.73 -7.76
C GLY A 276 -9.14 16.83 -6.64
N THR A 277 -10.41 16.48 -6.73
CA THR A 277 -11.00 15.44 -5.88
C THR A 277 -11.81 14.53 -6.79
N ILE A 278 -11.54 13.24 -6.72
CA ILE A 278 -11.94 12.30 -7.77
C ILE A 278 -13.12 11.47 -7.31
N PRO A 279 -14.17 11.29 -8.12
CA PRO A 279 -15.28 10.43 -7.69
C PRO A 279 -14.79 9.02 -7.45
N VAL A 280 -15.60 8.29 -6.67
CA VAL A 280 -15.33 6.88 -6.46
C VAL A 280 -15.89 6.12 -7.66
N ARG A 281 -15.10 6.04 -8.72
CA ARG A 281 -15.54 5.37 -9.94
C ARG A 281 -15.81 3.90 -9.61
N SER A 282 -16.91 3.38 -10.16
CA SER A 282 -17.43 2.06 -9.80
C SER A 282 -16.53 0.91 -10.25
N ASN A 283 -15.36 1.25 -10.81
CA ASN A 283 -14.42 0.26 -11.31
C ASN A 283 -13.59 -0.40 -10.21
N ALA A 284 -13.34 0.29 -9.10
CA ALA A 284 -12.59 -0.29 -7.99
C ALA A 284 -12.89 0.49 -6.71
N SER A 285 -12.90 -0.24 -5.59
CA SER A 285 -13.19 0.39 -4.30
C SER A 285 -12.30 -0.08 -3.16
N ILE A 286 -11.33 -0.98 -3.38
CA ILE A 286 -10.54 -1.58 -2.30
C ILE A 286 -9.07 -1.19 -2.44
N GLN A 287 -8.57 -0.41 -1.48
CA GLN A 287 -7.15 -0.12 -1.39
C GLN A 287 -6.46 -1.26 -0.66
N THR A 288 -5.22 -1.52 -1.02
CA THR A 288 -4.46 -2.58 -0.39
C THR A 288 -3.16 -1.99 0.09
N TRP A 289 -2.66 -2.47 1.22
CA TRP A 289 -1.44 -1.87 1.77
C TRP A 289 -0.28 -2.04 0.81
N ASP A 290 -0.09 -3.25 0.27
CA ASP A 290 0.95 -3.50 -0.72
C ASP A 290 0.68 -2.74 -2.01
N GLY A 291 -0.58 -2.61 -2.40
CA GLY A 291 -0.89 -1.82 -3.57
C GLY A 291 -0.41 -0.39 -3.44
N VAL A 292 -0.61 0.21 -2.27
CA VAL A 292 -0.28 1.62 -2.09
C VAL A 292 1.22 1.82 -1.98
N LEU A 293 1.91 0.99 -1.18
CA LEU A 293 3.38 1.08 -1.17
C LEU A 293 3.92 0.99 -2.60
N GLN A 294 3.33 0.11 -3.43
CA GLN A 294 3.81 -0.04 -4.81
C GLN A 294 3.61 1.18 -5.69
N GLY A 295 2.55 1.97 -5.47
CA GLY A 295 2.39 3.15 -6.28
C GLY A 295 0.97 3.48 -6.67
N GLU A 296 0.03 2.58 -6.35
CA GLU A 296 -1.37 2.98 -6.31
C GLU A 296 -1.49 4.23 -5.44
N ARG A 297 -2.21 5.23 -5.93
CA ARG A 297 -2.23 6.49 -5.24
C ARG A 297 -3.18 6.44 -4.06
N LEU A 298 -2.68 6.83 -2.90
CA LEU A 298 -3.48 6.79 -1.69
C LEU A 298 -4.69 7.70 -1.84
N LEU A 299 -5.87 7.12 -1.78
CA LEU A 299 -7.09 7.89 -1.84
C LEU A 299 -7.54 8.18 -0.41
N THR A 300 -7.83 9.45 -0.14
CA THR A 300 -8.32 9.88 1.15
C THR A 300 -9.60 10.65 0.90
N MET A 301 -10.68 10.25 1.57
CA MET A 301 -11.98 10.87 1.29
C MET A 301 -11.89 12.37 1.53
N SER A 302 -12.62 13.12 0.71
CA SER A 302 -12.58 14.57 0.77
C SER A 302 -13.13 15.10 2.08
N CYS A 303 -12.63 16.26 2.47
CA CYS A 303 -13.11 16.92 3.66
C CYS A 303 -14.62 17.09 3.67
N SER A 304 -15.24 17.48 2.53
CA SER A 304 -16.71 17.56 2.50
C SER A 304 -17.34 16.23 2.88
N ASP A 305 -16.76 15.10 2.42
CA ASP A 305 -17.31 13.79 2.78
C ASP A 305 -17.02 13.45 4.23
N LYS A 306 -15.82 13.75 4.73
CA LYS A 306 -15.59 13.46 6.15
C LYS A 306 -16.58 14.26 7.00
N ILE A 307 -16.81 15.53 6.66
CA ILE A 307 -17.74 16.30 7.47
C ILE A 307 -19.17 15.78 7.33
N ALA A 308 -19.56 15.27 6.15
CA ALA A 308 -20.86 14.59 6.08
C ALA A 308 -20.88 13.40 7.05
N ARG A 309 -19.81 12.60 7.04
CA ARG A 309 -19.76 11.42 7.90
C ARG A 309 -19.88 11.84 9.36
N TRP A 310 -19.11 12.87 9.78
CA TRP A 310 -19.28 13.39 11.14
C TRP A 310 -20.71 13.86 11.38
N ASN A 311 -21.41 14.32 10.33
CA ASN A 311 -22.77 14.75 10.54
C ASN A 311 -23.74 13.58 10.69
N VAL A 312 -23.31 12.35 10.42
CA VAL A 312 -24.13 11.16 10.73
C VAL A 312 -23.67 10.46 12.02
N VAL A 313 -22.39 10.11 12.14
CA VAL A 313 -21.89 9.30 13.26
C VAL A 313 -21.32 10.15 14.39
N GLY A 314 -21.43 11.46 14.33
CA GLY A 314 -20.82 12.31 15.34
C GLY A 314 -19.34 12.58 15.10
N ILE A 315 -18.81 13.59 15.82
CA ILE A 315 -17.41 13.97 15.65
C ILE A 315 -16.45 13.24 16.59
N GLN A 316 -16.96 12.48 17.55
CA GLN A 316 -16.15 11.89 18.60
C GLN A 316 -15.47 10.60 18.20
N GLY A 317 -15.75 10.07 17.02
CA GLY A 317 -15.11 8.84 16.57
C GLY A 317 -15.77 7.62 17.19
N SER A 318 -15.17 6.46 16.92
CA SER A 318 -15.77 5.23 17.42
C SER A 318 -15.25 4.89 18.80
N LEU A 319 -13.96 5.10 19.05
CA LEU A 319 -13.42 4.71 20.35
C LEU A 319 -14.12 5.49 21.46
N LEU A 320 -14.13 6.81 21.34
CA LEU A 320 -14.81 7.64 22.33
C LEU A 320 -16.30 7.31 22.47
N SER A 321 -16.93 6.72 21.45
CA SER A 321 -18.35 6.44 21.59
C SER A 321 -18.61 5.30 22.56
N ILE A 322 -17.57 4.59 23.00
CA ILE A 322 -17.73 3.57 24.01
C ILE A 322 -17.97 4.21 25.38
N PHE A 323 -17.54 5.47 25.57
CA PHE A 323 -17.78 6.22 26.82
C PHE A 323 -18.86 7.29 26.69
N VAL A 324 -19.01 7.89 25.51
CA VAL A 324 -19.76 9.13 25.35
C VAL A 324 -20.79 8.98 24.23
N GLU A 325 -22.01 9.48 24.48
CA GLU A 325 -23.03 9.55 23.44
C GLU A 325 -22.54 10.47 22.32
N PRO A 326 -23.05 10.32 21.09
CA PRO A 326 -22.45 11.05 19.96
C PRO A 326 -22.56 12.55 20.15
N ILE A 327 -21.59 13.27 19.62
CA ILE A 327 -21.54 14.73 19.67
C ILE A 327 -21.50 15.24 18.24
N TYR A 328 -22.13 16.39 18.01
CA TYR A 328 -22.24 16.93 16.66
C TYR A 328 -21.91 18.42 16.64
N PHE A 329 -21.32 18.87 15.54
CA PHE A 329 -21.06 20.29 15.38
C PHE A 329 -22.36 21.07 15.31
N SER A 330 -22.50 22.09 16.16
CA SER A 330 -23.67 22.96 16.06
C SER A 330 -23.60 23.86 14.82
N SER A 331 -22.42 24.32 14.40
CA SER A 331 -22.37 25.13 13.19
C SER A 331 -21.04 24.92 12.45
N ILE A 332 -21.08 25.14 11.13
CA ILE A 332 -19.90 25.18 10.29
C ILE A 332 -19.79 26.62 9.77
N ILE A 333 -18.65 27.27 10.03
CA ILE A 333 -18.40 28.65 9.61
C ILE A 333 -17.19 28.69 8.69
N LEU A 334 -17.38 29.27 7.49
CA LEU A 334 -16.38 29.36 6.43
C LEU A 334 -15.82 30.77 6.35
N GLY A 335 -14.49 30.89 6.36
CA GLY A 335 -13.79 32.16 6.24
C GLY A 335 -13.72 32.75 4.84
N SER A 336 -14.11 31.99 3.81
CA SER A 336 -14.12 32.43 2.41
C SER A 336 -14.68 31.30 1.57
N LEU A 337 -15.06 31.63 0.32
CA LEU A 337 -15.55 30.63 -0.64
C LEU A 337 -16.86 29.98 -0.19
N TYR A 338 -17.67 30.70 0.58
CA TYR A 338 -18.94 30.15 1.04
C TYR A 338 -19.92 30.12 -0.11
N HIS A 339 -20.30 28.91 -0.57
CA HIS A 339 -21.41 28.74 -1.51
C HIS A 339 -22.46 27.92 -0.80
N GLY A 340 -23.62 28.54 -0.55
CA GLY A 340 -24.59 27.95 0.35
C GLY A 340 -25.23 26.70 -0.20
N ASP A 341 -25.66 26.73 -1.47
CA ASP A 341 -26.29 25.54 -2.04
C ASP A 341 -25.31 24.38 -2.08
N HIS A 342 -24.07 24.66 -2.47
CA HIS A 342 -23.05 23.61 -2.50
C HIS A 342 -22.74 23.09 -1.10
N LEU A 343 -22.55 24.00 -0.15
CA LEU A 343 -22.19 23.58 1.20
C LEU A 343 -23.30 22.72 1.82
N SER A 344 -24.56 23.17 1.73
CA SER A 344 -25.62 22.37 2.33
C SER A 344 -25.80 21.07 1.59
N ARG A 345 -25.58 21.03 0.27
CA ARG A 345 -25.61 19.74 -0.39
C ARG A 345 -24.57 18.82 0.22
N ALA A 346 -23.34 19.34 0.39
CA ALA A 346 -22.23 18.46 0.74
C ALA A 346 -22.37 17.96 2.17
N MET A 347 -22.85 18.83 3.07
CA MET A 347 -22.83 18.54 4.51
C MET A 347 -23.87 17.52 4.92
N TYR A 348 -25.11 17.63 4.42
CA TYR A 348 -26.16 16.64 4.72
C TYR A 348 -27.13 16.36 3.59
N GLN A 349 -27.46 17.32 2.72
CA GLN A 349 -28.69 17.14 1.95
C GLN A 349 -28.61 16.00 0.96
N ARG A 350 -27.40 15.58 0.55
CA ARG A 350 -27.29 14.49 -0.44
C ARG A 350 -27.59 13.11 0.17
N ILE A 351 -27.54 12.96 1.49
CA ILE A 351 -27.87 11.66 2.05
C ILE A 351 -29.11 11.75 2.93
N SER A 352 -30.07 12.59 2.55
CA SER A 352 -31.32 12.57 3.30
C SER A 352 -32.05 11.24 3.16
N ASN A 353 -31.65 10.40 2.20
CA ASN A 353 -32.20 9.05 2.04
C ASN A 353 -31.67 8.03 3.05
N ILE A 354 -30.92 8.45 4.10
CA ILE A 354 -30.39 7.48 5.06
C ILE A 354 -31.51 7.03 5.97
N GLU A 355 -31.46 5.76 6.39
CA GLU A 355 -32.50 5.20 7.24
C GLU A 355 -31.91 4.16 8.18
N ASP A 356 -32.72 3.76 9.18
CA ASP A 356 -32.35 2.73 10.15
C ASP A 356 -31.09 3.10 10.94
N LEU A 357 -30.99 4.40 11.38
CA LEU A 357 -29.82 4.71 12.20
C LEU A 357 -30.03 4.27 13.66
N PRO A 358 -28.99 3.77 14.32
CA PRO A 358 -29.13 3.33 15.70
C PRO A 358 -29.55 4.50 16.60
N PRO A 359 -30.15 4.18 17.76
CA PRO A 359 -31.12 5.14 18.34
C PRO A 359 -30.57 6.51 18.79
N LEU A 360 -29.28 6.68 19.06
CA LEU A 360 -28.86 8.05 19.40
C LEU A 360 -28.34 8.85 18.20
N TYR A 361 -28.19 8.21 17.04
CA TYR A 361 -27.57 8.81 15.87
C TYR A 361 -28.63 9.41 14.93
N THR A 362 -28.19 10.42 14.17
CA THR A 362 -29.14 11.18 13.39
C THR A 362 -28.38 11.86 12.28
N LEU A 363 -29.11 12.38 11.28
CA LEU A 363 -28.47 13.16 10.22
C LEU A 363 -28.47 14.62 10.65
N ASN A 364 -27.35 15.05 11.22
CA ASN A 364 -27.23 16.38 11.80
C ASN A 364 -27.11 17.42 10.71
N LYS A 365 -27.74 18.58 10.92
CA LYS A 365 -27.77 19.64 9.91
C LYS A 365 -27.32 20.95 10.57
N PRO A 366 -26.03 21.13 10.78
CA PRO A 366 -25.58 22.27 11.57
C PRO A 366 -25.78 23.57 10.81
N LEU A 367 -25.74 24.68 11.54
CA LEU A 367 -25.80 25.99 10.90
C LEU A 367 -24.62 26.15 9.97
N LEU A 368 -24.86 26.63 8.76
CA LEU A 368 -23.77 26.95 7.84
C LEU A 368 -23.79 28.45 7.61
N SER A 369 -22.60 29.05 7.61
CA SER A 369 -22.51 30.51 7.50
C SER A 369 -21.09 30.92 7.09
N GLY A 370 -21.02 31.99 6.28
CA GLY A 370 -19.79 32.71 6.07
C GLY A 370 -19.64 33.89 7.04
N ILE A 371 -18.50 34.56 6.94
CA ILE A 371 -18.20 35.67 7.83
C ILE A 371 -18.39 36.98 7.08
N SER A 372 -18.51 38.07 7.83
CA SER A 372 -18.84 39.35 7.21
C SER A 372 -17.74 39.79 6.25
N ASN A 373 -16.53 39.94 6.75
CA ASN A 373 -15.39 40.37 5.94
C ASN A 373 -14.61 39.11 5.58
N ALA A 374 -14.94 38.55 4.41
CA ALA A 374 -14.30 37.33 3.93
C ALA A 374 -12.78 37.41 4.04
N GLU A 375 -12.15 36.26 4.22
CA GLU A 375 -10.71 36.25 4.42
C GLU A 375 -9.96 36.38 3.10
N ALA A 376 -8.70 36.82 3.21
CA ALA A 376 -7.90 37.17 2.05
C ALA A 376 -7.03 35.99 1.62
N ARG A 377 -7.04 35.70 0.32
CA ARG A 377 -6.18 34.63 -0.19
C ARG A 377 -4.73 34.95 0.15
N GLN A 378 -4.12 34.08 0.95
CA GLN A 378 -2.75 34.31 1.39
C GLN A 378 -1.77 34.10 0.25
N PRO A 379 -0.77 34.96 0.10
CA PRO A 379 0.22 34.82 -0.97
C PRO A 379 1.25 33.72 -0.61
N GLY A 380 2.18 33.50 -1.53
CA GLY A 380 3.25 32.55 -1.32
C GLY A 380 2.80 31.11 -1.54
N LYS A 381 3.76 30.19 -1.51
CA LYS A 381 3.42 28.78 -1.58
C LYS A 381 2.78 28.34 -0.26
N ALA A 382 1.93 27.33 -0.34
CA ALA A 382 1.33 26.75 0.87
C ALA A 382 2.38 25.99 1.68
N PRO A 383 2.51 26.24 2.96
CA PRO A 383 3.52 25.54 3.74
C PRO A 383 3.21 24.06 3.82
N ASN A 384 4.26 23.23 3.90
CA ASN A 384 4.07 21.78 3.95
C ASN A 384 3.81 21.29 5.36
N PHE A 385 3.69 22.19 6.33
CA PHE A 385 3.44 21.80 7.71
C PHE A 385 2.04 22.18 8.14
N SER A 386 1.62 21.55 9.24
CA SER A 386 0.33 21.78 9.86
C SER A 386 0.52 22.06 11.35
N VAL A 387 0.04 23.19 11.82
CA VAL A 387 0.12 23.37 13.26
C VAL A 387 -1.19 22.92 13.88
N ASN A 388 -1.13 22.58 15.16
CA ASN A 388 -2.30 22.21 15.93
C ASN A 388 -2.13 22.60 17.39
N TRP A 389 -3.23 23.01 17.99
CA TRP A 389 -3.25 23.43 19.38
C TRP A 389 -4.60 23.03 19.94
N THR A 390 -4.57 22.50 21.17
CA THR A 390 -5.77 22.21 21.94
C THR A 390 -5.69 23.05 23.21
N VAL A 391 -6.84 23.55 23.67
CA VAL A 391 -6.83 24.29 24.93
C VAL A 391 -6.11 23.48 26.00
N GLY A 392 -5.38 24.16 26.87
CA GLY A 392 -4.62 23.47 27.88
C GLY A 392 -3.28 22.99 27.42
N ASP A 393 -2.87 23.38 26.22
CA ASP A 393 -1.50 23.18 25.77
C ASP A 393 -0.72 24.48 25.94
N SER A 394 0.56 24.32 26.27
CA SER A 394 1.40 25.51 26.43
C SER A 394 1.67 26.16 25.09
N ALA A 395 1.86 25.36 24.03
CA ALA A 395 2.23 25.98 22.75
C ALA A 395 1.67 25.13 21.61
N ILE A 396 1.94 25.58 20.38
CA ILE A 396 1.51 24.86 19.21
C ILE A 396 2.39 23.63 19.03
N GLU A 397 1.85 22.63 18.35
CA GLU A 397 2.64 21.53 17.82
C GLU A 397 2.67 21.67 16.30
N VAL A 398 3.83 21.46 15.69
CA VAL A 398 3.95 21.64 14.25
C VAL A 398 4.30 20.28 13.64
N ILE A 399 3.48 19.81 12.69
CA ILE A 399 3.63 18.51 12.05
C ILE A 399 3.93 18.72 10.58
N ASN A 400 4.84 17.91 10.03
CA ASN A 400 5.06 17.90 8.58
C ASN A 400 3.96 17.06 7.92
N ALA A 401 3.14 17.70 7.08
CA ALA A 401 1.90 17.06 6.64
C ALA A 401 2.18 15.83 5.78
N THR A 402 3.27 15.84 4.98
CA THR A 402 3.50 14.73 4.06
C THR A 402 4.06 13.51 4.78
N THR A 403 4.72 13.72 5.94
CA THR A 403 5.19 12.58 6.73
C THR A 403 4.21 12.15 7.79
N GLY A 404 3.33 13.04 8.23
CA GLY A 404 2.47 12.74 9.35
C GLY A 404 3.14 12.89 10.69
N LYS A 405 4.36 13.44 10.75
CA LYS A 405 5.11 13.52 12.00
C LYS A 405 5.77 14.89 12.15
N ASP A 406 6.24 15.20 13.36
CA ASP A 406 6.89 16.50 13.61
C ASP A 406 8.29 16.49 12.97
N GLU A 407 8.97 17.63 13.01
CA GLU A 407 10.13 17.77 12.12
C GLU A 407 11.32 16.95 12.62
N LEU A 408 11.30 16.50 13.86
CA LEU A 408 12.27 15.53 14.33
C LEU A 408 11.79 14.08 14.17
N GLY A 409 10.56 13.86 13.71
CA GLY A 409 10.03 12.53 13.49
C GLY A 409 9.17 11.96 14.60
N ARG A 410 8.88 12.73 15.64
CA ARG A 410 8.06 12.24 16.76
C ARG A 410 6.59 12.16 16.36
N ALA A 411 5.85 11.31 17.05
CA ALA A 411 4.42 11.23 16.79
C ALA A 411 3.70 12.48 17.30
N SER A 412 2.67 12.88 16.57
CA SER A 412 1.81 13.93 17.06
C SER A 412 1.04 13.50 18.30
N ARG A 413 0.72 14.49 19.12
CA ARG A 413 -0.30 14.21 20.14
C ARG A 413 -1.66 13.88 19.51
N LEU A 414 -1.76 13.82 18.18
CA LEU A 414 -3.03 13.60 17.52
C LEU A 414 -3.09 12.28 16.76
N CYS A 415 -2.06 11.42 16.84
CA CYS A 415 -2.10 10.26 15.98
C CYS A 415 -2.97 9.14 16.60
N LYS A 416 -3.33 8.17 15.75
CA LYS A 416 -4.05 6.97 16.19
C LYS A 416 -3.48 6.45 17.50
N HIS A 417 -2.15 6.37 17.60
CA HIS A 417 -1.52 5.71 18.74
C HIS A 417 -1.65 6.53 20.02
N ALA A 418 -1.38 7.84 19.93
CA ALA A 418 -1.59 8.75 21.07
C ALA A 418 -3.05 8.76 21.51
N LEU A 419 -3.98 8.87 20.55
CA LEU A 419 -5.40 8.83 20.90
C LEU A 419 -5.76 7.51 21.58
N TYR A 420 -5.31 6.37 21.02
CA TYR A 420 -5.54 5.07 21.64
C TYR A 420 -5.03 5.08 23.07
N CYS A 421 -3.88 5.70 23.28
CA CYS A 421 -3.30 5.74 24.61
C CYS A 421 -4.19 6.56 25.56
N ARG A 422 -4.69 7.71 25.09
CA ARG A 422 -5.66 8.50 25.87
C ARG A 422 -6.88 7.66 26.22
N TRP A 423 -7.39 6.92 25.23
CA TRP A 423 -8.59 6.09 25.40
C TRP A 423 -8.35 5.00 26.44
N MET A 424 -7.16 4.41 26.43
CA MET A 424 -6.84 3.40 27.42
C MET A 424 -6.74 4.04 28.81
N ARG A 425 -6.08 5.19 28.93
CA ARG A 425 -6.03 5.87 30.22
C ARG A 425 -7.43 6.04 30.79
N VAL A 426 -8.37 6.50 29.97
CA VAL A 426 -9.73 6.67 30.44
C VAL A 426 -10.38 5.31 30.74
N HIS A 427 -10.22 4.32 29.87
CA HIS A 427 -10.83 3.01 30.07
C HIS A 427 -10.46 2.47 31.43
N GLY A 428 -9.16 2.55 31.78
CA GLY A 428 -8.72 2.08 33.07
C GLY A 428 -9.47 2.71 34.23
N LYS A 429 -9.89 3.96 34.07
CA LYS A 429 -10.59 4.67 35.14
C LYS A 429 -12.12 4.56 35.09
N VAL A 430 -12.69 3.92 34.07
CA VAL A 430 -14.13 3.86 33.87
C VAL A 430 -14.66 2.52 34.38
N PRO A 431 -15.60 2.51 35.32
CA PRO A 431 -16.14 1.23 35.82
C PRO A 431 -16.89 0.46 34.74
N SER A 432 -16.78 -0.86 34.82
CA SER A 432 -17.34 -1.72 33.78
C SER A 432 -18.82 -1.45 33.57
N HIS A 433 -19.56 -1.12 34.62
CA HIS A 433 -20.99 -0.89 34.46
C HIS A 433 -21.30 0.39 33.72
N LEU A 434 -20.39 1.38 33.74
CA LEU A 434 -20.62 2.70 33.15
C LEU A 434 -20.29 2.78 31.65
N LEU A 435 -19.73 1.72 31.07
CA LEU A 435 -19.43 1.71 29.65
C LEU A 435 -20.71 1.76 28.82
N ARG A 436 -20.65 2.48 27.68
CA ARG A 436 -21.75 2.50 26.72
C ARG A 436 -21.83 1.20 25.94
N SER A 437 -20.73 0.46 25.83
CA SER A 437 -20.76 -0.89 25.27
C SER A 437 -19.96 -1.86 26.14
N LYS A 438 -20.61 -2.97 26.52
CA LYS A 438 -19.95 -4.04 27.27
C LYS A 438 -19.32 -5.09 26.36
N ILE A 439 -19.41 -4.93 25.04
CA ILE A 439 -18.72 -5.84 24.12
C ILE A 439 -17.25 -5.88 24.46
N THR A 440 -16.67 -7.07 24.48
CA THR A 440 -15.26 -7.23 24.78
C THR A 440 -14.54 -7.45 23.46
N LYS A 441 -13.46 -6.72 23.27
CA LYS A 441 -12.62 -6.93 22.10
C LYS A 441 -11.17 -6.86 22.56
N PRO A 442 -10.28 -7.55 21.85
CA PRO A 442 -8.86 -7.50 22.22
C PRO A 442 -8.35 -6.08 22.20
N ASN A 443 -7.16 -5.89 22.73
CA ASN A 443 -6.64 -4.53 22.85
C ASN A 443 -5.79 -4.19 21.63
N VAL A 444 -6.42 -4.31 20.46
CA VAL A 444 -5.82 -3.82 19.22
C VAL A 444 -6.76 -2.80 18.57
N TYR A 445 -6.17 -1.80 17.94
CA TYR A 445 -6.88 -0.58 17.57
C TYR A 445 -8.16 -0.91 16.81
N HIS A 446 -8.06 -1.82 15.84
CA HIS A 446 -9.17 -2.15 14.96
C HIS A 446 -10.31 -2.83 15.70
N GLU A 447 -9.99 -3.86 16.51
CA GLU A 447 -11.03 -4.54 17.28
C GLU A 447 -11.65 -3.60 18.29
N SER A 448 -10.82 -2.90 19.09
CA SER A 448 -11.37 -1.96 20.04
C SER A 448 -12.39 -1.07 19.37
N LYS A 449 -12.12 -0.64 18.12
CA LYS A 449 -13.12 0.15 17.42
C LYS A 449 -14.37 -0.68 17.13
N LEU A 450 -14.19 -1.95 16.77
CA LEU A 450 -15.36 -2.81 16.53
C LEU A 450 -16.23 -2.93 17.77
N ALA A 451 -15.67 -2.73 18.97
CA ALA A 451 -16.50 -2.78 20.17
C ALA A 451 -17.59 -1.69 20.18
N ALA A 452 -17.49 -0.65 19.32
CA ALA A 452 -18.53 0.37 19.13
C ALA A 452 -19.59 -0.16 18.17
N LYS A 453 -20.29 -1.23 18.60
CA LYS A 453 -21.19 -1.95 17.70
C LYS A 453 -22.17 -1.00 16.99
N GLU A 454 -22.81 -0.09 17.74
CA GLU A 454 -23.85 0.69 17.07
C GLU A 454 -23.28 1.91 16.31
N TYR A 455 -22.12 2.42 16.69
CA TYR A 455 -21.42 3.34 15.80
C TYR A 455 -21.09 2.65 14.49
N GLN A 456 -20.62 1.40 14.56
CA GLN A 456 -20.34 0.68 13.32
C GLN A 456 -21.62 0.52 12.49
N ALA A 457 -22.73 0.21 13.14
CA ALA A 457 -23.98 0.09 12.39
C ALA A 457 -24.33 1.41 11.72
N ALA A 458 -24.13 2.54 12.42
CA ALA A 458 -24.41 3.84 11.85
C ALA A 458 -23.57 4.09 10.61
N LYS A 459 -22.26 3.80 10.71
CA LYS A 459 -21.39 3.87 9.55
C LYS A 459 -21.96 3.06 8.38
N ALA A 460 -22.50 1.88 8.67
CA ALA A 460 -23.04 1.07 7.60
C ALA A 460 -24.21 1.77 6.92
N ARG A 461 -25.10 2.39 7.71
CA ARG A 461 -26.24 3.07 7.09
C ARG A 461 -25.75 4.24 6.22
N LEU A 462 -24.72 4.94 6.68
CA LEU A 462 -24.09 5.99 5.88
C LEU A 462 -23.62 5.46 4.53
N PHE A 463 -22.81 4.39 4.56
CA PHE A 463 -22.25 3.87 3.31
C PHE A 463 -23.37 3.44 2.40
N THR A 464 -24.40 2.82 2.96
CA THR A 464 -25.54 2.41 2.15
C THR A 464 -26.28 3.62 1.57
N ALA A 465 -26.42 4.71 2.35
CA ALA A 465 -27.15 5.86 1.80
C ALA A 465 -26.43 6.41 0.60
N PHE A 466 -25.10 6.55 0.70
CA PHE A 466 -24.36 7.02 -0.46
C PHE A 466 -24.52 6.05 -1.66
N ILE A 467 -24.41 4.74 -1.42
CA ILE A 467 -24.49 3.80 -2.53
C ILE A 467 -25.87 3.85 -3.20
N LYS A 468 -26.95 3.72 -2.40
CA LYS A 468 -28.31 3.81 -2.92
C LYS A 468 -28.53 5.11 -3.69
N ALA A 469 -28.09 6.24 -3.12
CA ALA A 469 -28.18 7.52 -3.80
C ALA A 469 -27.40 7.58 -5.07
N GLY A 470 -26.71 6.53 -5.51
CA GLY A 470 -25.89 6.65 -6.71
C GLY A 470 -24.63 7.45 -6.51
N LEU A 471 -24.23 7.70 -5.26
CA LEU A 471 -23.11 8.59 -4.99
C LEU A 471 -21.79 7.85 -4.76
N GLY A 472 -21.74 6.55 -4.95
CA GLY A 472 -20.51 5.81 -4.86
C GLY A 472 -20.31 5.19 -3.48
N ALA A 473 -19.40 4.22 -3.45
CA ALA A 473 -19.13 3.45 -2.24
C ALA A 473 -17.95 4.07 -1.52
N TRP A 474 -18.09 4.29 -0.22
CA TRP A 474 -17.04 4.91 0.59
C TRP A 474 -15.71 4.17 0.45
N VAL A 475 -14.61 4.89 0.40
CA VAL A 475 -13.30 4.28 0.22
C VAL A 475 -12.54 4.29 1.54
N GLU A 476 -12.24 3.10 2.06
CA GLU A 476 -11.51 2.97 3.31
C GLU A 476 -10.02 2.78 3.08
N LYS A 477 -9.28 2.85 4.18
CA LYS A 477 -7.84 2.67 4.20
C LYS A 477 -7.54 1.19 4.14
N PRO A 478 -6.31 0.79 3.82
CA PRO A 478 -5.98 -0.65 3.87
C PRO A 478 -6.24 -1.20 5.27
N THR A 479 -6.82 -2.40 5.33
CA THR A 479 -7.25 -2.93 6.62
C THR A 479 -6.11 -2.99 7.63
N GLU A 480 -4.86 -3.12 7.16
CA GLU A 480 -3.67 -3.22 8.01
C GLU A 480 -3.39 -1.94 8.78
N GLN A 481 -4.00 -0.83 8.38
CA GLN A 481 -3.68 0.45 9.01
C GLN A 481 -3.94 0.43 10.52
N ASP A 482 -4.97 -0.30 10.97
CA ASP A 482 -5.44 -0.22 12.33
C ASP A 482 -5.17 -1.49 13.14
N GLN A 483 -4.32 -2.39 12.65
CA GLN A 483 -4.06 -3.63 13.38
C GLN A 483 -2.80 -3.49 14.22
N PHE A 484 -2.88 -2.66 15.27
CA PHE A 484 -1.73 -2.41 16.14
C PHE A 484 -2.17 -2.38 17.60
N SER A 485 -1.22 -2.61 18.51
CA SER A 485 -1.47 -2.57 19.94
C SER A 485 -0.59 -1.51 20.59
N LEU A 486 -0.87 -1.20 21.85
CA LEU A 486 -0.03 -0.28 22.59
C LEU A 486 1.22 -1.00 23.08
N LYS B 21 26.02 11.03 8.34
CA LYS B 21 26.35 12.35 7.81
C LYS B 21 26.32 12.33 6.27
N ASN B 22 26.04 13.48 5.65
CA ASN B 22 25.78 13.53 4.20
C ASN B 22 26.99 13.02 3.42
N PRO B 23 26.80 12.14 2.43
CA PRO B 23 27.96 11.57 1.73
C PRO B 23 28.74 12.58 0.89
N VAL B 24 28.04 13.49 0.20
CA VAL B 24 28.75 14.44 -0.66
C VAL B 24 29.67 15.32 0.17
N MET B 25 29.20 15.74 1.34
CA MET B 25 29.97 16.60 2.23
C MET B 25 31.21 15.89 2.77
N ILE B 26 31.03 14.64 3.20
CA ILE B 26 32.16 13.86 3.70
C ILE B 26 33.21 13.70 2.61
N LEU B 27 32.78 13.35 1.40
CA LEU B 27 33.71 13.20 0.27
C LEU B 27 34.37 14.52 -0.09
N ASN B 28 33.67 15.64 0.07
CA ASN B 28 34.30 16.93 -0.20
C ASN B 28 35.39 17.21 0.82
N GLU B 29 35.15 16.89 2.09
CA GLU B 29 36.21 17.08 3.07
C GLU B 29 37.41 16.18 2.76
N LEU B 30 37.15 14.95 2.32
CA LEU B 30 38.23 14.03 1.93
C LEU B 30 39.02 14.57 0.73
N ARG B 31 38.35 14.77 -0.42
CA ARG B 31 39.03 15.03 -1.71
C ARG B 31 38.52 16.33 -2.34
N PRO B 32 38.75 17.49 -1.69
CA PRO B 32 37.98 18.72 -2.04
C PRO B 32 37.82 19.10 -3.51
N GLY B 33 38.65 18.58 -4.41
CA GLY B 33 38.57 18.99 -5.81
C GLY B 33 37.61 18.17 -6.63
N LEU B 34 36.31 18.26 -6.34
CA LEU B 34 35.30 17.36 -6.91
C LEU B 34 34.71 17.87 -8.22
N LYS B 35 34.83 17.07 -9.28
CA LYS B 35 34.07 17.28 -10.50
C LYS B 35 33.10 16.11 -10.67
N TYR B 36 31.80 16.41 -10.69
CA TYR B 36 30.77 15.43 -10.98
C TYR B 36 30.31 15.62 -12.42
N ASP B 37 30.33 14.53 -13.19
CA ASP B 37 29.89 14.54 -14.59
C ASP B 37 28.42 14.12 -14.64
N PHE B 38 27.62 14.89 -15.40
CA PHE B 38 26.19 14.65 -15.53
C PHE B 38 25.93 13.80 -16.77
N LEU B 39 25.55 12.54 -16.56
CA LEU B 39 25.45 11.54 -17.62
C LEU B 39 24.09 11.53 -18.30
N SER B 40 23.44 12.69 -18.39
CA SER B 40 22.11 12.86 -18.98
C SER B 40 21.01 12.16 -18.18
N GLU B 41 19.76 12.34 -18.61
CA GLU B 41 18.60 12.06 -17.81
C GLU B 41 17.57 11.26 -18.61
N SER B 42 16.75 10.50 -17.89
CA SER B 42 15.74 9.64 -18.50
C SER B 42 14.38 9.90 -17.88
N GLY B 43 13.32 9.65 -18.66
CA GLY B 43 11.95 9.76 -18.19
C GLY B 43 11.45 11.19 -18.06
N GLU B 44 10.25 11.29 -17.50
CA GLU B 44 9.64 12.58 -17.19
C GLU B 44 8.83 12.45 -15.91
N SER B 45 8.52 13.60 -15.31
CA SER B 45 7.65 13.73 -14.13
C SER B 45 8.17 12.77 -13.06
N HIS B 46 7.32 11.92 -12.44
CA HIS B 46 7.72 11.01 -11.36
C HIS B 46 8.66 9.90 -11.82
N ALA B 47 8.66 9.52 -13.12
CA ALA B 47 9.53 8.49 -13.64
C ALA B 47 10.90 9.02 -14.05
N LYS B 48 11.22 10.26 -13.62
CA LYS B 48 12.53 10.88 -13.85
C LYS B 48 13.64 10.06 -13.20
N SER B 49 14.73 9.89 -13.92
CA SER B 49 15.91 9.22 -13.40
C SER B 49 17.14 9.95 -13.90
N PHE B 50 17.91 10.51 -12.98
CA PHE B 50 19.21 11.08 -13.30
C PHE B 50 20.30 10.09 -12.91
N VAL B 51 21.44 10.21 -13.57
CA VAL B 51 22.63 9.45 -13.25
C VAL B 51 23.80 10.41 -13.19
N MET B 52 24.60 10.28 -12.14
CA MET B 52 25.67 11.22 -11.83
C MET B 52 26.93 10.43 -11.48
N SER B 53 28.07 10.84 -12.04
CA SER B 53 29.29 10.06 -11.92
C SER B 53 30.44 10.93 -11.42
N VAL B 54 31.41 10.26 -10.80
CA VAL B 54 32.56 10.92 -10.19
C VAL B 54 33.73 9.95 -10.23
N VAL B 55 34.95 10.48 -10.27
CA VAL B 55 36.17 9.68 -10.22
C VAL B 55 36.96 10.06 -8.99
N VAL B 56 37.26 9.08 -8.14
CA VAL B 56 37.98 9.28 -6.89
C VAL B 56 39.13 8.28 -6.83
N ASP B 57 40.35 8.79 -6.62
CA ASP B 57 41.57 7.98 -6.53
C ASP B 57 41.76 7.07 -7.76
N GLY B 58 41.16 7.45 -8.89
CA GLY B 58 41.32 6.74 -10.15
C GLY B 58 40.14 5.88 -10.56
N GLN B 59 39.31 5.42 -9.62
CA GLN B 59 38.17 4.58 -9.92
C GLN B 59 36.94 5.41 -10.27
N PHE B 60 36.04 4.80 -11.04
CA PHE B 60 34.91 5.50 -11.67
C PHE B 60 33.59 4.96 -11.12
N PHE B 61 32.75 5.85 -10.57
CA PHE B 61 31.56 5.46 -9.82
C PHE B 61 30.31 6.13 -10.36
N GLU B 62 29.16 5.53 -10.03
CA GLU B 62 27.85 5.94 -10.54
C GLU B 62 26.82 6.01 -9.42
N GLY B 63 25.80 6.84 -9.63
CA GLY B 63 24.64 6.89 -8.75
C GLY B 63 23.39 7.19 -9.56
N SER B 64 22.27 6.63 -9.11
CA SER B 64 20.99 6.81 -9.77
C SER B 64 19.99 7.34 -8.77
N GLY B 65 19.15 8.27 -9.22
CA GLY B 65 18.10 8.77 -8.35
C GLY B 65 17.12 9.62 -9.13
N ARG B 66 15.99 9.89 -8.48
CA ARG B 66 14.95 10.70 -9.10
C ARG B 66 15.44 12.12 -9.38
N ASN B 67 16.30 12.67 -8.52
CA ASN B 67 16.80 14.04 -8.63
C ASN B 67 18.32 14.02 -8.57
N LYS B 68 18.93 15.09 -9.09
CA LYS B 68 20.37 15.11 -9.28
C LYS B 68 21.13 14.99 -7.97
N LYS B 69 20.66 15.69 -6.93
CA LYS B 69 21.34 15.67 -5.64
C LYS B 69 21.33 14.29 -4.98
N LEU B 70 20.27 13.48 -5.22
CA LEU B 70 20.24 12.11 -4.73
C LEU B 70 21.16 11.21 -5.55
N ALA B 71 21.12 11.37 -6.87
CA ALA B 71 22.06 10.65 -7.73
C ALA B 71 23.50 10.97 -7.35
N LYS B 72 23.79 12.25 -7.14
CA LYS B 72 25.11 12.70 -6.70
C LYS B 72 25.48 12.08 -5.36
N ALA B 73 24.55 12.08 -4.41
CA ALA B 73 24.82 11.50 -3.11
C ALA B 73 25.07 10.00 -3.20
N ARG B 74 24.39 9.30 -4.11
CA ARG B 74 24.63 7.86 -4.24
C ARG B 74 25.93 7.57 -4.97
N ALA B 75 26.32 8.44 -5.91
CA ALA B 75 27.66 8.31 -6.49
C ALA B 75 28.72 8.50 -5.42
N ALA B 76 28.55 9.51 -4.55
CA ALA B 76 29.48 9.70 -3.43
C ALA B 76 29.42 8.54 -2.45
N GLN B 77 28.25 7.89 -2.32
CA GLN B 77 28.12 6.68 -1.52
C GLN B 77 28.98 5.55 -2.06
N SER B 78 28.84 5.27 -3.37
CA SER B 78 29.71 4.29 -4.01
C SER B 78 31.17 4.65 -3.79
N ALA B 79 31.48 5.93 -3.88
CA ALA B 79 32.87 6.38 -3.71
C ALA B 79 33.40 6.02 -2.33
N LEU B 80 32.75 6.54 -1.29
CA LEU B 80 33.26 6.34 0.07
C LEU B 80 33.23 4.87 0.47
N ALA B 81 32.21 4.12 0.04
CA ALA B 81 32.13 2.70 0.38
C ALA B 81 33.17 1.87 -0.36
N ALA B 82 33.46 2.19 -1.63
CA ALA B 82 34.42 1.38 -2.40
C ALA B 82 35.85 1.70 -2.01
N ILE B 83 36.23 2.98 -2.03
CA ILE B 83 37.61 3.35 -1.72
C ILE B 83 37.91 3.23 -0.23
N PHE B 84 36.91 3.39 0.64
CA PHE B 84 37.09 3.35 2.10
C PHE B 84 36.17 2.26 2.63
N ASN B 85 35.90 2.23 3.93
CA ASN B 85 34.97 1.24 4.48
C ASN B 85 33.55 1.81 4.58
N LEU B 86 32.58 1.03 4.06
CA LEU B 86 31.13 1.22 4.10
C LEU B 86 30.59 2.59 4.51
N HIS B 87 29.53 2.59 5.33
CA HIS B 87 28.71 3.77 5.62
C HIS B 87 27.67 3.47 6.70
N LEU B 88 26.62 4.30 6.78
CA LEU B 88 25.47 4.07 7.66
C LEU B 88 24.80 2.72 7.37
N ASP B 89 24.21 2.11 8.41
CA ASP B 89 23.60 0.77 8.29
C ASP B 89 22.33 0.77 9.14
N GLN B 90 21.19 0.95 8.49
CA GLN B 90 19.93 1.14 9.22
C GLN B 90 19.51 -0.12 9.97
N THR B 91 19.96 -1.30 9.51
CA THR B 91 19.81 -2.64 10.08
C THR B 91 18.77 -3.46 9.32
N PRO B 92 17.48 -3.08 9.27
CA PRO B 92 16.57 -3.78 8.34
C PRO B 92 17.05 -3.69 6.91
N SER B 93 17.81 -2.64 6.59
CA SER B 93 18.43 -2.50 5.29
C SER B 93 19.57 -3.50 5.08
N ARG B 94 20.08 -4.11 6.14
CA ARG B 94 21.11 -5.13 6.02
C ARG B 94 20.43 -6.50 5.95
N GLN B 95 21.14 -7.51 5.30
CA GLN B 95 20.48 -8.63 4.62
C GLN B 95 20.69 -10.00 5.24
N PRO B 96 19.62 -10.80 5.36
CA PRO B 96 19.78 -12.24 5.61
C PRO B 96 20.61 -12.93 4.55
N ILE B 97 21.72 -13.53 4.98
CA ILE B 97 22.54 -14.35 4.11
C ILE B 97 21.84 -15.70 3.98
N PRO B 98 22.20 -16.56 3.01
CA PRO B 98 21.44 -17.81 2.76
C PRO B 98 21.79 -18.94 3.73
N SER B 99 21.12 -20.08 3.49
CA SER B 99 21.14 -21.23 4.40
C SER B 99 22.55 -21.81 4.54
N GLU B 100 23.26 -22.00 3.43
CA GLU B 100 24.59 -22.58 3.49
C GLU B 100 25.34 -22.24 2.21
N GLY B 101 26.66 -22.36 2.27
CA GLY B 101 27.51 -22.26 1.10
C GLY B 101 27.54 -20.87 0.48
N LEU B 102 27.98 -19.88 1.26
CA LEU B 102 27.88 -18.47 0.90
C LEU B 102 28.84 -18.20 -0.27
N GLN B 103 28.42 -18.61 -1.48
CA GLN B 103 29.31 -18.71 -2.64
C GLN B 103 29.58 -17.37 -3.31
N LEU B 104 28.54 -16.70 -3.78
CA LEU B 104 28.70 -15.66 -4.79
C LEU B 104 28.95 -14.32 -4.12
N HIS B 105 30.23 -13.96 -3.99
CA HIS B 105 30.65 -12.60 -3.69
C HIS B 105 30.04 -12.03 -2.40
N LEU B 106 30.27 -10.74 -2.16
CA LEU B 106 29.55 -10.04 -1.12
C LEU B 106 28.07 -9.96 -1.48
N PRO B 107 27.15 -10.12 -0.50
CA PRO B 107 25.72 -10.08 -0.85
C PRO B 107 25.31 -8.81 -1.55
N GLN B 108 25.82 -7.66 -1.12
CA GLN B 108 25.43 -6.39 -1.73
C GLN B 108 25.94 -6.28 -3.15
N VAL B 109 27.18 -6.70 -3.38
CA VAL B 109 27.74 -6.51 -4.72
C VAL B 109 27.05 -7.44 -5.71
N LEU B 110 26.75 -8.68 -5.30
CA LEU B 110 25.93 -9.56 -6.13
C LEU B 110 24.57 -8.94 -6.40
N ALA B 111 23.92 -8.39 -5.36
CA ALA B 111 22.62 -7.77 -5.55
C ALA B 111 22.66 -6.67 -6.59
N ASP B 112 23.61 -5.75 -6.44
CA ASP B 112 23.71 -4.62 -7.35
C ASP B 112 24.05 -5.09 -8.76
N ALA B 113 24.90 -6.11 -8.87
CA ALA B 113 25.21 -6.69 -10.18
C ALA B 113 23.95 -7.21 -10.84
N VAL B 114 23.18 -8.03 -10.11
CA VAL B 114 21.96 -8.61 -10.67
C VAL B 114 21.02 -7.51 -11.14
N SER B 115 20.78 -6.52 -10.28
CA SER B 115 19.83 -5.46 -10.63
C SER B 115 20.31 -4.70 -11.86
N ARG B 116 21.61 -4.41 -11.94
CA ARG B 116 22.12 -3.75 -13.13
C ARG B 116 21.89 -4.60 -14.36
N LEU B 117 22.15 -5.91 -14.28
CA LEU B 117 22.03 -6.79 -15.44
C LEU B 117 20.60 -6.81 -15.97
N VAL B 118 19.63 -7.00 -15.07
CA VAL B 118 18.25 -7.02 -15.51
C VAL B 118 17.88 -5.68 -16.12
N LEU B 119 18.22 -4.57 -15.44
CA LEU B 119 17.88 -3.25 -15.96
C LEU B 119 18.53 -3.00 -17.33
N GLY B 120 19.78 -3.46 -17.51
CA GLY B 120 20.42 -3.34 -18.80
C GLY B 120 19.67 -4.09 -19.88
N LYS B 121 19.39 -5.39 -19.65
CA LYS B 121 18.76 -6.18 -20.70
C LYS B 121 17.39 -5.62 -21.06
N PHE B 122 16.70 -5.05 -20.07
CA PHE B 122 15.45 -4.36 -20.36
C PHE B 122 15.68 -3.17 -21.28
N GLY B 123 16.76 -2.41 -21.02
CA GLY B 123 17.16 -1.38 -21.97
C GLY B 123 17.37 -1.93 -23.36
N ASP B 124 18.05 -3.07 -23.47
CA ASP B 124 18.34 -3.63 -24.79
C ASP B 124 17.06 -3.96 -25.54
N LEU B 125 16.15 -4.65 -24.87
CA LEU B 125 14.91 -5.05 -25.51
C LEU B 125 13.97 -3.88 -25.78
N THR B 126 14.18 -2.71 -25.15
CA THR B 126 13.29 -1.56 -25.37
C THR B 126 13.95 -0.42 -26.15
N ASP B 127 14.94 -0.72 -27.00
CA ASP B 127 15.68 0.29 -27.77
C ASP B 127 16.19 1.40 -26.83
N ASN B 128 16.99 0.97 -25.85
CA ASN B 128 17.43 1.80 -24.73
C ASN B 128 16.28 2.61 -24.13
N PHE B 129 15.30 1.92 -23.57
CA PHE B 129 14.26 2.52 -22.73
C PHE B 129 13.37 3.51 -23.50
N SER B 130 13.47 3.57 -24.83
CA SER B 130 12.69 4.52 -25.60
C SER B 130 11.38 3.94 -26.11
N SER B 131 11.33 2.63 -26.38
CA SER B 131 10.14 2.00 -26.94
C SER B 131 8.94 2.24 -26.02
N PRO B 132 7.72 2.17 -26.56
CA PRO B 132 6.54 2.47 -25.72
C PRO B 132 6.36 1.50 -24.56
N HIS B 133 6.90 0.29 -24.68
CA HIS B 133 6.76 -0.74 -23.64
C HIS B 133 7.81 -0.61 -22.54
N ALA B 134 8.73 0.34 -22.66
CA ALA B 134 9.66 0.57 -21.55
C ALA B 134 8.94 1.16 -20.34
N ARG B 135 7.81 1.84 -20.51
CA ARG B 135 7.11 2.38 -19.36
C ARG B 135 6.52 1.23 -18.55
N ARG B 136 6.93 1.12 -17.30
CA ARG B 136 6.56 -0.02 -16.47
C ARG B 136 6.55 0.38 -14.99
N LYS B 137 5.85 -0.43 -14.21
CA LYS B 137 5.77 -0.23 -12.77
C LYS B 137 6.68 -1.20 -12.03
N VAL B 138 6.63 -2.48 -12.40
CA VAL B 138 7.49 -3.51 -11.82
C VAL B 138 8.26 -4.20 -12.94
N LEU B 139 9.57 -4.24 -12.77
CA LEU B 139 10.47 -5.00 -13.64
C LEU B 139 11.04 -6.15 -12.83
N ALA B 140 11.04 -7.34 -13.41
CA ALA B 140 11.59 -8.50 -12.76
C ALA B 140 12.47 -9.22 -13.77
N GLY B 141 13.24 -10.17 -13.29
CA GLY B 141 14.08 -10.95 -14.18
C GLY B 141 14.75 -12.08 -13.42
N VAL B 142 15.22 -13.06 -14.19
CA VAL B 142 16.01 -14.16 -13.65
C VAL B 142 17.41 -14.05 -14.20
N VAL B 143 18.42 -14.24 -13.34
CA VAL B 143 19.82 -14.20 -13.75
C VAL B 143 20.48 -15.50 -13.32
N MET B 144 21.18 -16.14 -14.25
CA MET B 144 21.86 -17.41 -14.00
C MET B 144 23.33 -17.16 -13.69
N THR B 145 23.78 -17.76 -12.59
CA THR B 145 25.14 -17.77 -12.12
C THR B 145 25.70 -19.16 -12.39
N THR B 146 26.89 -19.21 -12.96
CA THR B 146 27.56 -20.48 -13.19
C THR B 146 28.85 -20.64 -12.42
N GLY B 147 29.46 -19.55 -11.96
CA GLY B 147 30.69 -19.66 -11.20
C GLY B 147 30.65 -18.79 -9.96
N THR B 148 31.82 -18.35 -9.50
CA THR B 148 31.93 -17.34 -8.45
C THR B 148 32.06 -15.94 -9.02
N ASP B 149 32.48 -15.82 -10.27
CA ASP B 149 32.61 -14.53 -10.94
C ASP B 149 31.22 -13.98 -11.32
N VAL B 150 31.10 -12.65 -11.29
CA VAL B 150 29.93 -11.98 -11.85
C VAL B 150 30.12 -11.62 -13.30
N LYS B 151 31.30 -11.88 -13.87
CA LYS B 151 31.50 -11.71 -15.32
C LYS B 151 30.61 -12.64 -16.12
N ASP B 152 30.52 -13.90 -15.69
CA ASP B 152 29.75 -14.90 -16.42
C ASP B 152 28.42 -15.21 -15.73
N ALA B 153 27.82 -14.19 -15.13
CA ALA B 153 26.38 -14.19 -14.95
C ALA B 153 25.71 -13.93 -16.29
N LYS B 154 24.43 -14.31 -16.40
CA LYS B 154 23.73 -14.24 -17.68
C LYS B 154 22.24 -13.99 -17.42
N VAL B 155 21.64 -13.04 -18.13
CA VAL B 155 20.21 -12.81 -17.89
C VAL B 155 19.45 -13.89 -18.63
N ILE B 156 18.69 -14.70 -17.89
CA ILE B 156 17.88 -15.75 -18.49
C ILE B 156 16.53 -15.20 -18.99
N SER B 157 15.88 -14.36 -18.19
CA SER B 157 14.58 -13.87 -18.62
C SER B 157 14.31 -12.51 -18.01
N VAL B 158 13.41 -11.78 -18.65
CA VAL B 158 13.06 -10.41 -18.33
C VAL B 158 11.55 -10.22 -18.49
N SER B 159 10.94 -9.55 -17.52
CA SER B 159 9.48 -9.42 -17.59
C SER B 159 9.02 -8.17 -16.85
N THR B 160 7.78 -7.79 -17.12
CA THR B 160 7.15 -6.68 -16.44
C THR B 160 5.68 -7.01 -16.20
N GLY B 161 5.04 -6.17 -15.40
CA GLY B 161 3.61 -6.29 -15.22
C GLY B 161 3.19 -6.38 -13.77
N THR B 162 1.99 -5.85 -13.50
CA THR B 162 1.41 -5.90 -12.18
C THR B 162 -0.07 -6.24 -12.28
N LYS B 163 -0.48 -6.88 -13.38
CA LYS B 163 -1.89 -7.23 -13.52
C LYS B 163 -2.08 -8.72 -13.85
N CYS B 164 -3.34 -9.17 -13.68
CA CYS B 164 -3.78 -10.55 -13.81
C CYS B 164 -4.91 -10.63 -14.80
N ILE B 165 -5.21 -11.86 -15.25
CA ILE B 165 -6.32 -12.06 -16.18
C ILE B 165 -7.63 -11.82 -15.44
N ASN B 166 -8.59 -11.24 -16.14
CA ASN B 166 -9.96 -11.20 -15.64
C ASN B 166 -10.65 -12.53 -15.90
N GLY B 167 -11.45 -12.98 -14.95
CA GLY B 167 -12.12 -14.27 -15.08
C GLY B 167 -12.97 -14.42 -16.32
N GLU B 168 -13.38 -13.29 -16.91
CA GLU B 168 -14.12 -13.28 -18.17
C GLU B 168 -13.30 -13.85 -19.33
N TYR B 169 -11.98 -13.97 -19.17
CA TYR B 169 -11.08 -14.36 -20.26
C TYR B 169 -10.30 -15.64 -19.98
N MET B 170 -10.62 -16.37 -18.91
CA MET B 170 -9.91 -17.60 -18.63
C MET B 170 -10.28 -18.69 -19.63
N SER B 171 -9.34 -19.61 -19.86
CA SER B 171 -9.42 -20.54 -20.98
C SER B 171 -9.70 -21.96 -20.50
N ASP B 172 -10.72 -22.58 -21.10
CA ASP B 172 -11.00 -23.99 -20.87
C ASP B 172 -9.97 -24.89 -21.53
N ARG B 173 -9.07 -24.33 -22.35
CA ARG B 173 -8.18 -25.14 -23.19
C ARG B 173 -6.72 -24.66 -23.13
N GLY B 174 -6.35 -23.88 -22.12
CA GLY B 174 -4.94 -23.59 -21.86
C GLY B 174 -4.31 -22.50 -22.70
N LEU B 175 -5.09 -21.64 -23.31
CA LEU B 175 -4.51 -20.65 -24.21
C LEU B 175 -4.40 -19.25 -23.60
N ALA B 176 -4.57 -19.11 -22.29
CA ALA B 176 -4.47 -17.79 -21.69
C ALA B 176 -3.59 -17.86 -20.45
N LEU B 177 -2.80 -16.82 -20.24
CA LEU B 177 -2.11 -16.67 -18.96
C LEU B 177 -3.11 -16.21 -17.92
N ASN B 178 -2.98 -16.76 -16.71
CA ASN B 178 -3.77 -16.21 -15.60
C ASN B 178 -3.07 -15.04 -14.93
N ASP B 179 -1.75 -15.09 -14.80
CA ASP B 179 -1.03 -14.23 -13.85
C ASP B 179 0.16 -13.58 -14.55
N CYS B 180 0.11 -12.26 -14.73
CA CYS B 180 1.20 -11.54 -15.36
C CYS B 180 1.93 -10.61 -14.39
N HIS B 181 1.90 -10.87 -13.09
CA HIS B 181 2.86 -10.12 -12.30
C HIS B 181 4.25 -10.46 -12.80
N ALA B 182 5.13 -9.48 -12.72
CA ALA B 182 6.40 -9.59 -13.43
C ALA B 182 7.14 -10.83 -12.99
N GLU B 183 7.24 -11.05 -11.69
CA GLU B 183 8.03 -12.18 -11.22
C GLU B 183 7.42 -13.52 -11.64
N ILE B 184 6.09 -13.61 -11.77
CA ILE B 184 5.48 -14.88 -12.22
C ILE B 184 5.79 -15.13 -13.70
N ILE B 185 5.68 -14.11 -14.52
CA ILE B 185 6.06 -14.22 -15.93
C ILE B 185 7.54 -14.58 -16.05
N SER B 186 8.38 -14.02 -15.17
CA SER B 186 9.80 -14.34 -15.16
C SER B 186 10.02 -15.83 -14.92
N ARG B 187 9.29 -16.42 -13.97
CA ARG B 187 9.46 -17.85 -13.70
C ARG B 187 9.03 -18.67 -14.91
N ARG B 188 7.87 -18.33 -15.50
CA ARG B 188 7.42 -19.13 -16.63
C ARG B 188 8.41 -19.07 -17.79
N SER B 189 8.89 -17.87 -18.14
CA SER B 189 9.90 -17.82 -19.19
C SER B 189 11.16 -18.59 -18.77
N LEU B 190 11.49 -18.61 -17.48
CA LEU B 190 12.53 -19.53 -17.03
C LEU B 190 12.20 -20.96 -17.46
N LEU B 191 10.95 -21.39 -17.23
CA LEU B 191 10.54 -22.74 -17.65
C LEU B 191 10.76 -22.97 -19.15
N ARG B 192 10.50 -21.94 -19.96
CA ARG B 192 10.80 -22.07 -21.38
C ARG B 192 12.29 -22.33 -21.59
N PHE B 193 13.13 -21.59 -20.85
CA PHE B 193 14.58 -21.82 -20.88
C PHE B 193 14.93 -23.26 -20.50
N LEU B 194 14.22 -23.82 -19.51
CA LEU B 194 14.52 -25.18 -19.04
C LEU B 194 14.10 -26.24 -20.06
N TYR B 195 12.92 -26.08 -20.68
CA TYR B 195 12.57 -26.98 -21.79
C TYR B 195 13.62 -26.90 -22.90
N THR B 196 14.06 -25.69 -23.24
CA THR B 196 15.08 -25.54 -24.27
C THR B 196 16.37 -26.23 -23.87
N GLN B 197 16.71 -26.21 -22.58
CA GLN B 197 17.96 -26.81 -22.15
C GLN B 197 17.88 -28.33 -22.19
N LEU B 198 16.72 -28.90 -21.85
CA LEU B 198 16.52 -30.34 -22.03
C LEU B 198 16.52 -30.72 -23.51
N GLU B 199 15.84 -29.94 -24.35
CA GLU B 199 15.88 -30.19 -25.79
C GLU B 199 17.31 -30.11 -26.32
N LEU B 200 18.11 -29.19 -25.76
CA LEU B 200 19.53 -29.08 -26.12
C LEU B 200 20.28 -30.36 -25.78
N TYR B 201 20.14 -30.84 -24.54
CA TYR B 201 20.75 -32.11 -24.15
C TYR B 201 20.34 -33.25 -25.08
N LEU B 202 19.03 -33.39 -25.36
CA LEU B 202 18.53 -34.57 -26.07
C LEU B 202 18.85 -34.54 -27.56
N ASN B 203 18.74 -33.40 -28.23
CA ASN B 203 18.73 -33.37 -29.69
C ASN B 203 20.06 -33.75 -30.31
N ASN B 204 21.09 -33.92 -29.50
CA ASN B 204 22.40 -34.24 -30.05
C ASN B 204 23.30 -34.67 -28.91
N LYS B 205 24.03 -35.78 -29.09
CA LYS B 205 24.86 -36.30 -28.02
C LYS B 205 25.93 -35.29 -27.58
N ASP B 206 26.36 -34.40 -28.47
CA ASP B 206 27.39 -33.43 -28.10
C ASP B 206 26.82 -32.23 -27.36
N ASP B 207 25.59 -31.80 -27.68
CA ASP B 207 25.05 -30.63 -26.99
C ASP B 207 24.75 -30.88 -25.52
N GLN B 208 25.04 -32.08 -24.99
CA GLN B 208 24.90 -32.34 -23.56
C GLN B 208 25.92 -31.57 -22.73
N LYS B 209 27.14 -31.39 -23.26
CA LYS B 209 28.16 -30.63 -22.54
C LYS B 209 27.79 -29.16 -22.45
N ARG B 210 27.10 -28.65 -23.48
CA ARG B 210 26.61 -27.27 -23.52
C ARG B 210 25.41 -27.05 -22.60
N SER B 211 24.69 -28.12 -22.25
CA SER B 211 23.45 -27.96 -21.50
C SER B 211 23.75 -27.66 -20.03
N ILE B 212 22.72 -27.17 -19.31
CA ILE B 212 22.85 -27.00 -17.87
C ILE B 212 22.42 -28.24 -17.11
N PHE B 213 21.89 -29.25 -17.80
CA PHE B 213 21.37 -30.47 -17.19
C PHE B 213 22.35 -31.64 -17.34
N GLN B 214 22.26 -32.58 -16.41
CA GLN B 214 22.96 -33.86 -16.52
C GLN B 214 22.04 -34.94 -15.96
N LYS B 215 22.32 -36.19 -16.33
CA LYS B 215 21.54 -37.31 -15.83
C LYS B 215 21.73 -37.45 -14.32
N SER B 216 20.67 -37.88 -13.64
CA SER B 216 20.69 -37.94 -12.19
C SER B 216 20.82 -39.38 -11.72
N GLU B 217 21.66 -39.54 -10.70
CA GLU B 217 21.90 -40.84 -10.08
C GLU B 217 20.60 -41.49 -9.63
N ARG B 218 19.64 -40.68 -9.16
CA ARG B 218 18.29 -41.13 -8.87
C ARG B 218 17.43 -41.25 -10.12
N GLY B 219 18.01 -41.05 -11.30
CA GLY B 219 17.18 -41.12 -12.48
C GLY B 219 16.60 -39.77 -12.86
N GLY B 220 16.31 -39.62 -14.14
CA GLY B 220 15.91 -38.34 -14.70
C GLY B 220 17.09 -37.43 -14.92
N PHE B 221 16.91 -36.13 -14.65
CA PHE B 221 18.00 -35.18 -14.76
C PHE B 221 18.06 -34.30 -13.52
N ARG B 222 19.22 -33.67 -13.34
CA ARG B 222 19.44 -32.70 -12.30
C ARG B 222 20.35 -31.61 -12.86
N LEU B 223 20.33 -30.46 -12.22
CA LEU B 223 21.19 -29.36 -12.63
C LEU B 223 22.65 -29.67 -12.34
N LYS B 224 23.52 -29.17 -13.22
CA LYS B 224 24.97 -29.24 -12.99
C LYS B 224 25.33 -28.42 -11.75
N GLU B 225 26.45 -28.79 -11.13
CA GLU B 225 26.86 -28.14 -9.89
C GLU B 225 27.12 -26.66 -10.11
N ASN B 226 26.74 -25.86 -9.12
CA ASN B 226 27.00 -24.43 -9.10
C ASN B 226 26.29 -23.66 -10.23
N VAL B 227 25.24 -24.24 -10.83
CA VAL B 227 24.30 -23.49 -11.66
C VAL B 227 23.22 -22.97 -10.73
N GLN B 228 23.16 -21.65 -10.54
CA GLN B 228 22.19 -21.02 -9.64
C GLN B 228 21.33 -20.03 -10.40
N PHE B 229 20.07 -19.95 -10.07
CA PHE B 229 19.20 -18.90 -10.56
C PHE B 229 18.92 -17.90 -9.44
N HIS B 230 18.95 -16.61 -9.77
CA HIS B 230 18.69 -15.51 -8.83
C HIS B 230 17.52 -14.69 -9.35
N LEU B 231 16.53 -14.49 -8.51
CA LEU B 231 15.35 -13.74 -8.89
C LEU B 231 15.57 -12.28 -8.51
N TYR B 232 15.30 -11.36 -9.45
CA TYR B 232 15.30 -9.93 -9.15
C TYR B 232 13.92 -9.34 -9.41
N ILE B 233 13.41 -8.59 -8.44
CA ILE B 233 12.16 -7.84 -8.58
C ILE B 233 12.44 -6.39 -8.20
N SER B 234 11.94 -5.44 -9.01
CA SER B 234 12.21 -4.05 -8.66
C SER B 234 11.48 -3.63 -7.38
N THR B 235 10.58 -4.45 -6.85
CA THR B 235 9.96 -4.13 -5.58
C THR B 235 9.74 -5.41 -4.79
N SER B 236 9.56 -5.27 -3.49
CA SER B 236 9.19 -6.42 -2.69
C SER B 236 7.92 -7.05 -3.26
N PRO B 237 7.82 -8.38 -3.29
CA PRO B 237 6.69 -9.02 -3.97
C PRO B 237 5.38 -8.83 -3.22
N CYS B 238 4.31 -8.72 -4.01
CA CYS B 238 2.97 -8.39 -3.48
C CYS B 238 2.53 -9.42 -2.45
N GLY B 239 1.78 -8.96 -1.48
CA GLY B 239 1.43 -9.89 -0.43
C GLY B 239 2.32 -9.74 0.79
N ASP B 240 2.58 -10.86 1.47
CA ASP B 240 3.09 -10.77 2.84
C ASP B 240 4.43 -10.05 2.93
N ALA B 241 5.30 -10.18 1.93
CA ALA B 241 6.60 -9.50 2.03
C ALA B 241 6.49 -7.98 1.97
N ARG B 242 5.31 -7.42 1.69
CA ARG B 242 5.16 -5.98 1.55
C ARG B 242 4.31 -5.37 2.65
N ILE B 243 3.82 -6.15 3.61
CA ILE B 243 2.88 -5.62 4.62
C ILE B 243 3.71 -5.08 5.78
N PHE B 244 4.23 -3.86 5.60
CA PHE B 244 5.05 -3.22 6.63
C PHE B 244 5.21 -1.75 6.28
N SER B 245 5.88 -1.02 7.18
CA SER B 245 5.99 0.43 7.13
C SER B 245 7.40 0.89 6.83
N PRO B 246 7.70 1.40 5.65
CA PRO B 246 9.11 1.61 5.26
C PRO B 246 9.87 2.56 6.16
N HIS B 247 9.21 3.53 6.77
CA HIS B 247 9.92 4.51 7.60
C HIS B 247 9.80 4.30 9.10
N GLU B 248 9.35 3.13 9.56
CA GLU B 248 9.35 2.78 10.98
C GLU B 248 9.94 1.38 11.13
N PRO B 249 11.21 1.23 10.79
CA PRO B 249 11.76 -0.10 10.41
C PRO B 249 12.33 -0.91 11.56
N ILE B 250 11.47 -1.37 12.47
CA ILE B 250 11.96 -2.09 13.65
C ILE B 250 11.11 -3.34 13.95
N ALA B 263 3.14 -8.01 9.78
CA ALA B 263 3.89 -8.60 10.88
C ALA B 263 3.35 -9.97 11.38
N ARG B 264 2.41 -10.58 10.65
CA ARG B 264 1.93 -11.96 10.82
C ARG B 264 1.80 -12.55 9.43
N GLY B 265 2.10 -13.83 9.25
CA GLY B 265 2.37 -14.26 7.88
C GLY B 265 1.30 -14.84 6.95
N GLN B 266 0.08 -14.28 6.94
CA GLN B 266 -1.03 -14.95 6.26
C GLN B 266 -0.74 -15.16 4.77
N LEU B 267 -1.46 -16.11 4.19
CA LEU B 267 -1.62 -16.19 2.74
C LEU B 267 -2.61 -15.13 2.27
N ARG B 268 -2.43 -14.67 1.03
CA ARG B 268 -3.27 -13.61 0.45
C ARG B 268 -3.50 -13.91 -1.03
N THR B 269 -4.56 -13.34 -1.58
CA THR B 269 -4.87 -13.50 -2.99
C THR B 269 -4.86 -12.13 -3.67
N LYS B 270 -4.50 -12.11 -4.95
CA LYS B 270 -4.59 -10.86 -5.70
C LYS B 270 -6.05 -10.49 -5.91
N ILE B 271 -6.31 -9.20 -5.97
CA ILE B 271 -7.66 -8.70 -6.05
C ILE B 271 -8.05 -8.56 -7.51
N GLU B 272 -9.37 -8.40 -7.74
CA GLU B 272 -9.91 -8.35 -9.09
C GLU B 272 -9.35 -7.19 -9.91
N SER B 273 -9.12 -6.04 -9.30
CA SER B 273 -8.72 -4.84 -10.02
C SER B 273 -7.47 -4.22 -9.42
N GLY B 274 -6.47 -3.99 -10.28
CA GLY B 274 -5.26 -3.33 -9.86
C GLY B 274 -4.31 -4.22 -9.09
N GLN B 275 -3.29 -3.55 -8.56
CA GLN B 275 -2.19 -4.16 -7.82
C GLN B 275 -2.61 -4.51 -6.41
N GLY B 276 -1.80 -5.35 -5.77
CA GLY B 276 -1.98 -5.58 -4.35
C GLY B 276 -2.92 -6.71 -4.03
N THR B 277 -3.08 -6.97 -2.73
CA THR B 277 -3.60 -8.25 -2.28
C THR B 277 -4.41 -8.08 -1.00
N ILE B 278 -5.25 -9.07 -0.73
CA ILE B 278 -5.98 -9.21 0.54
C ILE B 278 -5.80 -10.63 1.07
N PRO B 279 -5.81 -10.82 2.39
CA PRO B 279 -5.62 -12.16 2.94
C PRO B 279 -6.81 -13.09 2.67
N VAL B 280 -6.50 -14.38 2.59
CA VAL B 280 -7.52 -15.40 2.37
C VAL B 280 -8.07 -15.83 3.72
N ARG B 281 -9.34 -16.18 3.77
CA ARG B 281 -9.94 -16.83 4.93
C ARG B 281 -10.01 -18.32 4.62
N SER B 282 -9.59 -19.15 5.60
CA SER B 282 -9.45 -20.59 5.36
C SER B 282 -10.81 -21.27 5.11
N ASN B 283 -11.91 -20.69 5.58
CA ASN B 283 -13.24 -21.31 5.53
C ASN B 283 -13.97 -21.15 4.19
N ALA B 284 -13.40 -20.43 3.23
CA ALA B 284 -14.01 -20.27 1.92
C ALA B 284 -13.75 -21.51 1.05
N SER B 285 -14.75 -21.86 0.22
CA SER B 285 -14.68 -23.07 -0.59
C SER B 285 -13.63 -22.95 -1.69
N ILE B 286 -13.08 -24.09 -2.11
CA ILE B 286 -12.21 -24.12 -3.27
C ILE B 286 -13.06 -23.87 -4.52
N GLN B 287 -12.43 -23.32 -5.56
CA GLN B 287 -13.16 -22.88 -6.74
C GLN B 287 -13.60 -24.07 -7.60
N THR B 288 -14.77 -23.91 -8.20
CA THR B 288 -15.24 -24.79 -9.27
C THR B 288 -15.60 -23.93 -10.48
N TRP B 289 -15.30 -24.44 -11.68
CA TRP B 289 -15.05 -23.63 -12.88
C TRP B 289 -16.21 -22.68 -13.23
N ASP B 290 -17.39 -23.22 -13.56
CA ASP B 290 -18.52 -22.34 -13.89
C ASP B 290 -19.03 -21.58 -12.67
N GLY B 291 -18.94 -22.20 -11.48
CA GLY B 291 -19.48 -21.61 -10.26
C GLY B 291 -18.69 -20.42 -9.75
N VAL B 292 -17.46 -20.23 -10.24
CA VAL B 292 -16.70 -19.02 -9.92
C VAL B 292 -16.74 -18.01 -11.06
N LEU B 293 -17.53 -18.28 -12.10
CA LEU B 293 -18.06 -17.21 -12.94
C LEU B 293 -19.44 -16.77 -12.48
N GLN B 294 -20.21 -17.69 -11.90
CA GLN B 294 -21.54 -17.36 -11.38
C GLN B 294 -21.45 -16.55 -10.09
N GLY B 295 -20.52 -16.90 -9.19
CA GLY B 295 -20.44 -16.27 -7.88
C GLY B 295 -19.11 -15.64 -7.53
N GLU B 296 -18.46 -16.16 -6.48
CA GLU B 296 -17.17 -15.66 -6.05
C GLU B 296 -16.14 -15.79 -7.18
N ARG B 297 -15.22 -14.83 -7.25
CA ARG B 297 -14.32 -14.71 -8.39
C ARG B 297 -13.34 -15.89 -8.45
N LEU B 298 -12.51 -15.90 -9.50
CA LEU B 298 -11.48 -16.92 -9.73
C LEU B 298 -10.14 -16.38 -9.21
N LEU B 299 -9.96 -16.48 -7.89
CA LEU B 299 -8.85 -15.82 -7.20
C LEU B 299 -7.50 -16.48 -7.53
N THR B 300 -6.44 -15.67 -7.52
CA THR B 300 -5.09 -16.12 -7.81
C THR B 300 -4.21 -15.74 -6.63
N MET B 301 -3.23 -16.61 -6.32
CA MET B 301 -2.41 -16.42 -5.14
C MET B 301 -1.45 -15.24 -5.30
N SER B 302 -1.11 -14.60 -4.18
CA SER B 302 -0.17 -13.49 -4.16
C SER B 302 1.26 -13.95 -4.46
N CYS B 303 2.08 -13.01 -4.97
CA CYS B 303 3.44 -13.35 -5.33
C CYS B 303 4.29 -13.81 -4.13
N SER B 304 4.15 -13.16 -2.96
CA SER B 304 4.88 -13.65 -1.79
C SER B 304 4.58 -15.12 -1.54
N ASP B 305 3.31 -15.50 -1.63
CA ASP B 305 2.97 -16.90 -1.40
C ASP B 305 3.47 -17.80 -2.52
N LYS B 306 3.34 -17.37 -3.79
CA LYS B 306 3.84 -18.23 -4.86
C LYS B 306 5.35 -18.46 -4.70
N ILE B 307 6.08 -17.46 -4.18
CA ILE B 307 7.52 -17.61 -4.03
C ILE B 307 7.87 -18.49 -2.82
N ALA B 308 7.06 -18.47 -1.77
CA ALA B 308 7.23 -19.50 -0.73
C ALA B 308 6.97 -20.91 -1.29
N ARG B 309 5.87 -21.07 -2.03
CA ARG B 309 5.61 -22.32 -2.74
C ARG B 309 6.84 -22.74 -3.55
N TRP B 310 7.43 -21.82 -4.31
CA TRP B 310 8.65 -22.14 -5.05
C TRP B 310 9.79 -22.51 -4.12
N ASN B 311 9.84 -21.90 -2.94
CA ASN B 311 10.85 -22.33 -1.97
C ASN B 311 10.59 -23.74 -1.42
N VAL B 312 9.42 -24.32 -1.65
CA VAL B 312 9.24 -25.72 -1.22
C VAL B 312 9.25 -26.70 -2.39
N VAL B 313 8.32 -26.54 -3.34
CA VAL B 313 8.19 -27.47 -4.46
C VAL B 313 9.10 -27.10 -5.62
N GLY B 314 9.90 -26.06 -5.48
CA GLY B 314 10.79 -25.67 -6.54
C GLY B 314 10.09 -24.87 -7.63
N ILE B 315 10.91 -24.34 -8.52
CA ILE B 315 10.41 -23.43 -9.54
C ILE B 315 10.02 -24.15 -10.83
N GLN B 316 10.40 -25.40 -11.01
CA GLN B 316 10.20 -26.05 -12.30
C GLN B 316 8.76 -26.51 -12.53
N GLY B 317 7.92 -26.52 -11.48
CA GLY B 317 6.56 -27.00 -11.66
C GLY B 317 6.50 -28.51 -11.62
N SER B 318 5.31 -29.05 -11.96
CA SER B 318 5.11 -30.49 -11.84
C SER B 318 5.59 -31.24 -13.08
N LEU B 319 5.20 -30.78 -14.27
CA LEU B 319 5.58 -31.51 -15.49
C LEU B 319 7.10 -31.64 -15.60
N LEU B 320 7.82 -30.53 -15.44
CA LEU B 320 9.26 -30.62 -15.51
C LEU B 320 9.80 -31.57 -14.46
N SER B 321 9.11 -31.71 -13.33
CA SER B 321 9.63 -32.58 -12.29
C SER B 321 9.54 -34.05 -12.68
N ILE B 322 8.73 -34.39 -13.67
CA ILE B 322 8.79 -35.74 -14.23
C ILE B 322 10.16 -35.98 -14.84
N PHE B 323 10.76 -34.95 -15.45
CA PHE B 323 12.08 -35.02 -16.09
C PHE B 323 13.24 -34.64 -15.19
N VAL B 324 13.08 -33.63 -14.33
CA VAL B 324 14.20 -33.04 -13.60
C VAL B 324 13.91 -33.05 -12.11
N GLU B 325 14.99 -33.00 -11.33
CA GLU B 325 14.90 -32.85 -9.88
C GLU B 325 14.55 -31.40 -9.51
N PRO B 326 14.13 -31.14 -8.27
CA PRO B 326 13.67 -29.79 -7.91
C PRO B 326 14.77 -28.74 -8.00
N ILE B 327 14.39 -27.54 -8.45
CA ILE B 327 15.30 -26.41 -8.64
C ILE B 327 14.81 -25.25 -7.78
N TYR B 328 15.75 -24.53 -7.17
CA TYR B 328 15.40 -23.46 -6.23
C TYR B 328 16.17 -22.18 -6.54
N PHE B 329 15.49 -21.06 -6.32
CA PHE B 329 16.18 -19.78 -6.35
C PHE B 329 17.17 -19.69 -5.20
N SER B 330 18.35 -19.13 -5.50
CA SER B 330 19.38 -18.95 -4.49
C SER B 330 19.39 -17.55 -3.90
N SER B 331 19.01 -16.54 -4.68
CA SER B 331 18.95 -15.18 -4.20
C SER B 331 17.58 -14.60 -4.53
N ILE B 332 17.14 -13.65 -3.72
CA ILE B 332 16.02 -12.81 -4.05
C ILE B 332 16.46 -11.38 -3.77
N ILE B 333 16.58 -10.57 -4.84
CA ILE B 333 17.05 -9.19 -4.78
C ILE B 333 15.85 -8.28 -4.96
N LEU B 334 15.72 -7.27 -4.11
CA LEU B 334 14.61 -6.33 -4.15
C LEU B 334 15.13 -4.93 -4.48
N GLY B 335 14.64 -4.36 -5.58
CA GLY B 335 15.11 -3.04 -5.95
C GLY B 335 14.54 -1.89 -5.14
N SER B 336 13.65 -2.19 -4.20
CA SER B 336 13.01 -1.20 -3.36
C SER B 336 12.14 -1.94 -2.35
N LEU B 337 11.67 -1.22 -1.35
CA LEU B 337 10.76 -1.80 -0.34
C LEU B 337 11.37 -3.02 0.33
N TYR B 338 12.70 -3.09 0.41
CA TYR B 338 13.33 -4.19 1.13
C TYR B 338 13.27 -3.92 2.64
N HIS B 339 12.88 -4.94 3.40
CA HIS B 339 13.05 -4.95 4.86
C HIS B 339 13.31 -6.40 5.24
N GLY B 340 14.48 -6.65 5.84
CA GLY B 340 14.93 -8.02 6.00
C GLY B 340 13.99 -8.89 6.82
N ASP B 341 13.44 -8.33 7.91
CA ASP B 341 12.55 -9.09 8.80
C ASP B 341 11.30 -9.58 8.07
N HIS B 342 10.62 -8.68 7.33
CA HIS B 342 9.40 -9.09 6.67
C HIS B 342 9.66 -9.96 5.43
N LEU B 343 10.71 -9.66 4.65
CA LEU B 343 10.99 -10.53 3.52
C LEU B 343 11.30 -11.93 4.00
N SER B 344 12.12 -12.02 5.07
CA SER B 344 12.45 -13.32 5.65
C SER B 344 11.17 -14.07 6.06
N ARG B 345 10.26 -13.37 6.76
CA ARG B 345 8.97 -13.98 7.10
C ARG B 345 8.27 -14.53 5.87
N ALA B 346 8.15 -13.69 4.84
CA ALA B 346 7.32 -14.09 3.70
C ALA B 346 7.95 -15.21 2.89
N MET B 347 9.28 -15.29 2.86
CA MET B 347 9.91 -16.22 1.93
C MET B 347 10.04 -17.63 2.49
N TYR B 348 10.54 -17.77 3.70
CA TYR B 348 10.59 -19.12 4.25
C TYR B 348 10.18 -19.20 5.71
N GLN B 349 10.52 -18.19 6.53
CA GLN B 349 10.41 -18.32 7.98
C GLN B 349 8.98 -18.67 8.42
N ARG B 350 7.97 -18.07 7.79
CA ARG B 350 6.60 -18.28 8.24
C ARG B 350 6.10 -19.71 8.01
N ILE B 351 6.83 -20.56 7.26
CA ILE B 351 6.48 -21.98 7.24
C ILE B 351 7.65 -22.83 7.70
N SER B 352 8.45 -22.33 8.63
CA SER B 352 9.50 -23.14 9.21
C SER B 352 8.97 -24.39 9.91
N ASN B 353 7.66 -24.57 10.03
CA ASN B 353 7.08 -25.75 10.67
C ASN B 353 6.75 -26.87 9.69
N ILE B 354 7.21 -26.79 8.44
CA ILE B 354 6.91 -27.83 7.45
C ILE B 354 7.78 -29.04 7.76
N GLU B 355 7.22 -30.24 7.55
CA GLU B 355 8.01 -31.46 7.76
C GLU B 355 7.48 -32.58 6.88
N ASP B 356 8.21 -33.71 6.91
CA ASP B 356 7.92 -34.91 6.13
C ASP B 356 7.85 -34.59 4.63
N LEU B 357 8.95 -34.13 4.13
CA LEU B 357 9.05 -33.77 2.72
C LEU B 357 9.63 -34.93 1.91
N PRO B 358 9.19 -35.08 0.66
CA PRO B 358 9.73 -36.12 -0.22
C PRO B 358 11.23 -35.98 -0.39
N PRO B 359 11.89 -37.04 -0.85
CA PRO B 359 13.32 -36.94 -1.12
C PRO B 359 13.57 -35.84 -2.15
N LEU B 360 14.67 -35.12 -1.96
CA LEU B 360 15.17 -34.03 -2.78
C LEU B 360 14.42 -32.71 -2.56
N TYR B 361 13.34 -32.69 -1.77
CA TYR B 361 12.60 -31.46 -1.51
C TYR B 361 13.03 -30.86 -0.18
N THR B 362 13.06 -29.53 -0.10
CA THR B 362 13.49 -28.86 1.11
C THR B 362 12.76 -27.53 1.26
N LEU B 363 12.94 -26.91 2.41
CA LEU B 363 12.53 -25.52 2.60
C LEU B 363 13.71 -24.64 2.22
N ASN B 364 13.69 -24.11 1.01
CA ASN B 364 14.82 -23.30 0.52
C ASN B 364 14.84 -21.95 1.20
N LYS B 365 16.00 -21.57 1.75
CA LYS B 365 16.16 -20.26 2.38
C LYS B 365 17.18 -19.45 1.61
N PRO B 366 16.77 -18.70 0.59
CA PRO B 366 17.72 -18.01 -0.29
C PRO B 366 18.26 -16.75 0.37
N LEU B 367 19.25 -16.16 -0.28
CA LEU B 367 19.71 -14.82 0.08
C LEU B 367 18.60 -13.80 -0.18
N LEU B 368 18.43 -12.86 0.75
CA LEU B 368 17.48 -11.76 0.57
C LEU B 368 18.26 -10.46 0.73
N SER B 369 18.34 -9.68 -0.34
CA SER B 369 19.07 -8.42 -0.31
C SER B 369 18.27 -7.31 -0.99
N GLY B 370 18.41 -6.10 -0.49
CA GLY B 370 18.10 -4.92 -1.26
C GLY B 370 19.30 -4.46 -2.06
N ILE B 371 19.15 -3.33 -2.74
CA ILE B 371 20.21 -2.78 -3.58
C ILE B 371 20.67 -1.46 -2.98
N SER B 372 21.75 -0.92 -3.54
CA SER B 372 22.23 0.36 -3.04
C SER B 372 21.36 1.50 -3.57
N ASN B 373 21.24 1.63 -4.90
CA ASN B 373 20.53 2.75 -5.51
C ASN B 373 19.05 2.40 -5.71
N ALA B 374 18.35 2.30 -4.58
CA ALA B 374 16.97 1.82 -4.55
C ALA B 374 16.04 2.71 -5.39
N GLU B 375 15.04 2.05 -5.98
CA GLU B 375 14.10 2.72 -6.87
C GLU B 375 13.10 3.57 -6.09
N ALA B 376 12.79 4.75 -6.61
CA ALA B 376 11.78 5.58 -5.99
C ALA B 376 10.39 5.07 -6.32
N ARG B 377 9.43 5.41 -5.47
CA ARG B 377 8.04 5.08 -5.73
C ARG B 377 7.49 5.99 -6.82
N GLN B 378 6.82 5.42 -7.83
CA GLN B 378 6.20 6.23 -8.88
C GLN B 378 4.69 6.16 -8.69
N PRO B 379 4.08 7.09 -7.96
CA PRO B 379 2.63 7.04 -7.79
C PRO B 379 1.92 7.18 -9.13
N GLY B 380 1.00 6.27 -9.40
CA GLY B 380 0.24 6.35 -10.63
C GLY B 380 -0.25 4.99 -11.08
N LYS B 381 -0.98 5.02 -12.18
CA LYS B 381 -1.58 3.80 -12.71
C LYS B 381 -0.49 2.84 -13.20
N ALA B 382 -0.71 1.53 -12.97
CA ALA B 382 0.12 0.47 -13.54
C ALA B 382 -0.28 0.23 -15.00
N PRO B 383 0.68 0.04 -15.90
CA PRO B 383 0.33 -0.21 -17.30
C PRO B 383 -0.47 -1.50 -17.44
N ASN B 384 -1.15 -1.64 -18.57
CA ASN B 384 -2.05 -2.76 -18.80
C ASN B 384 -1.37 -3.95 -19.46
N PHE B 385 -0.13 -3.80 -19.88
CA PHE B 385 0.56 -4.85 -20.62
C PHE B 385 1.68 -5.45 -19.78
N SER B 386 2.06 -6.66 -20.15
CA SER B 386 3.17 -7.36 -19.53
C SER B 386 4.15 -7.78 -20.61
N VAL B 387 5.37 -7.37 -20.45
CA VAL B 387 6.44 -7.72 -21.37
C VAL B 387 7.09 -8.99 -20.87
N ASN B 388 7.41 -9.91 -21.78
CA ASN B 388 8.19 -11.11 -21.42
C ASN B 388 9.22 -11.41 -22.49
N TRP B 389 10.37 -11.90 -22.06
CA TRP B 389 11.46 -12.30 -22.95
C TRP B 389 12.32 -13.35 -22.25
N THR B 390 12.69 -14.40 -22.99
CA THR B 390 13.61 -15.39 -22.48
C THR B 390 14.86 -15.31 -23.31
N VAL B 391 15.98 -15.72 -22.72
CA VAL B 391 17.20 -15.76 -23.50
C VAL B 391 17.00 -16.76 -24.63
N GLY B 392 17.28 -16.34 -25.86
CA GLY B 392 16.99 -17.13 -27.04
C GLY B 392 15.86 -16.58 -27.90
N ASP B 393 14.87 -15.92 -27.29
CA ASP B 393 13.96 -15.14 -28.12
C ASP B 393 14.69 -13.95 -28.71
N SER B 394 14.17 -13.48 -29.84
CA SER B 394 14.76 -12.37 -30.56
C SER B 394 14.12 -11.05 -30.21
N ALA B 395 12.86 -11.05 -29.79
CA ALA B 395 12.23 -9.82 -29.33
C ALA B 395 11.26 -10.14 -28.20
N ILE B 396 10.96 -9.10 -27.41
CA ILE B 396 9.96 -9.22 -26.37
C ILE B 396 8.63 -9.66 -26.98
N GLU B 397 7.85 -10.34 -26.16
CA GLU B 397 6.44 -10.65 -26.40
C GLU B 397 5.61 -9.79 -25.45
N VAL B 398 4.61 -9.10 -25.99
CA VAL B 398 3.79 -8.18 -25.22
C VAL B 398 2.43 -8.84 -25.02
N ILE B 399 2.05 -9.08 -23.76
CA ILE B 399 0.80 -9.75 -23.42
C ILE B 399 -0.13 -8.74 -22.78
N ASN B 400 -1.39 -8.79 -23.18
CA ASN B 400 -2.41 -8.00 -22.50
C ASN B 400 -2.73 -8.68 -21.18
N ALA B 401 -2.37 -8.01 -20.07
CA ALA B 401 -2.46 -8.62 -18.75
C ALA B 401 -3.87 -9.07 -18.43
N THR B 402 -4.88 -8.37 -18.96
CA THR B 402 -6.25 -8.69 -18.61
C THR B 402 -6.84 -9.81 -19.47
N THR B 403 -6.36 -10.00 -20.70
CA THR B 403 -6.84 -11.11 -21.52
C THR B 403 -5.93 -12.33 -21.49
N GLY B 404 -4.73 -12.21 -20.95
CA GLY B 404 -3.82 -13.32 -20.91
C GLY B 404 -3.36 -13.76 -22.27
N LYS B 405 -3.57 -12.92 -23.29
CA LYS B 405 -3.15 -13.20 -24.65
C LYS B 405 -2.44 -11.98 -25.20
N ASP B 406 -1.80 -12.15 -26.36
CA ASP B 406 -0.93 -11.11 -26.87
C ASP B 406 -1.75 -10.02 -27.59
N GLU B 407 -1.04 -9.08 -28.21
CA GLU B 407 -1.68 -7.92 -28.82
C GLU B 407 -2.71 -8.32 -29.88
N LEU B 408 -2.48 -9.42 -30.59
CA LEU B 408 -3.35 -9.84 -31.68
C LEU B 408 -4.28 -11.00 -31.26
N GLY B 409 -4.50 -11.18 -29.97
CA GLY B 409 -5.42 -12.21 -29.51
C GLY B 409 -4.91 -13.62 -29.61
N ARG B 410 -3.64 -13.78 -30.00
CA ARG B 410 -2.97 -15.06 -30.05
C ARG B 410 -2.57 -15.52 -28.66
N ALA B 411 -2.40 -16.83 -28.52
CA ALA B 411 -1.90 -17.36 -27.26
C ALA B 411 -0.41 -17.11 -27.16
N SER B 412 0.04 -16.70 -25.98
CA SER B 412 1.45 -16.43 -25.75
C SER B 412 2.24 -17.73 -25.69
N ARG B 413 3.56 -17.59 -25.82
CA ARG B 413 4.46 -18.71 -25.68
C ARG B 413 4.55 -19.22 -24.25
N LEU B 414 3.88 -18.56 -23.30
CA LEU B 414 3.97 -18.95 -21.91
C LEU B 414 2.73 -19.66 -21.39
N CYS B 415 1.64 -19.68 -22.16
CA CYS B 415 0.41 -20.22 -21.63
C CYS B 415 0.56 -21.72 -21.39
N LYS B 416 -0.38 -22.29 -20.63
CA LYS B 416 -0.35 -23.71 -20.31
C LYS B 416 -0.23 -24.57 -21.57
N HIS B 417 -0.96 -24.22 -22.63
CA HIS B 417 -0.99 -25.07 -23.80
C HIS B 417 0.38 -25.16 -24.46
N ALA B 418 1.04 -24.01 -24.62
CA ALA B 418 2.34 -24.00 -25.27
C ALA B 418 3.37 -24.76 -24.44
N LEU B 419 3.36 -24.57 -23.12
CA LEU B 419 4.33 -25.26 -22.27
C LEU B 419 4.10 -26.76 -22.32
N TYR B 420 2.84 -27.20 -22.31
CA TYR B 420 2.55 -28.62 -22.44
C TYR B 420 3.00 -29.14 -23.80
N CYS B 421 2.93 -28.30 -24.84
CA CYS B 421 3.42 -28.71 -26.14
C CYS B 421 4.94 -28.95 -26.13
N ARG B 422 5.69 -28.02 -25.53
CA ARG B 422 7.11 -28.23 -25.28
C ARG B 422 7.33 -29.54 -24.52
N TRP B 423 6.54 -29.75 -23.46
CA TRP B 423 6.70 -30.91 -22.61
C TRP B 423 6.42 -32.20 -23.37
N MET B 424 5.41 -32.19 -24.24
CA MET B 424 5.11 -33.37 -25.05
C MET B 424 6.20 -33.64 -26.07
N ARG B 425 6.73 -32.58 -26.69
CA ARG B 425 7.89 -32.70 -27.56
C ARG B 425 9.02 -33.41 -26.82
N VAL B 426 9.28 -32.98 -25.58
CA VAL B 426 10.35 -33.55 -24.78
C VAL B 426 10.01 -34.98 -24.34
N HIS B 427 8.73 -35.27 -24.11
CA HIS B 427 8.33 -36.64 -23.78
C HIS B 427 8.53 -37.57 -24.96
N GLY B 428 8.28 -37.09 -26.18
CA GLY B 428 8.52 -37.90 -27.36
C GLY B 428 9.97 -38.34 -27.47
N LYS B 429 10.89 -37.64 -26.81
CA LYS B 429 12.33 -37.84 -26.96
C LYS B 429 13.00 -38.61 -25.82
N VAL B 430 12.44 -38.55 -24.61
CA VAL B 430 13.05 -39.24 -23.47
C VAL B 430 12.72 -40.72 -23.56
N PRO B 431 13.68 -41.63 -23.34
CA PRO B 431 13.33 -43.05 -23.20
C PRO B 431 12.52 -43.28 -21.93
N SER B 432 11.62 -44.27 -21.99
CA SER B 432 10.63 -44.40 -20.93
C SER B 432 11.25 -44.71 -19.57
N HIS B 433 12.43 -45.33 -19.56
CA HIS B 433 13.15 -45.66 -18.32
C HIS B 433 13.89 -44.47 -17.72
N LEU B 434 14.01 -43.38 -18.47
CA LEU B 434 14.63 -42.16 -17.94
C LEU B 434 13.63 -41.26 -17.22
N LEU B 435 12.32 -41.53 -17.32
CA LEU B 435 11.33 -40.68 -16.67
C LEU B 435 11.37 -40.85 -15.15
N ARG B 436 11.40 -39.74 -14.42
CA ARG B 436 11.47 -39.83 -12.96
C ARG B 436 10.17 -40.34 -12.37
N SER B 437 9.06 -40.15 -13.09
CA SER B 437 7.78 -40.73 -12.71
C SER B 437 7.17 -41.31 -13.97
N LYS B 438 6.67 -42.54 -13.87
CA LYS B 438 6.27 -43.23 -15.09
C LYS B 438 4.93 -42.70 -15.60
N ILE B 439 4.89 -42.45 -16.90
CA ILE B 439 3.69 -42.06 -17.63
C ILE B 439 3.91 -42.44 -19.09
N THR B 440 2.87 -43.01 -19.72
CA THR B 440 2.92 -43.38 -21.13
C THR B 440 1.60 -42.96 -21.79
N LYS B 441 1.67 -42.70 -23.10
CA LYS B 441 0.58 -42.13 -23.88
C LYS B 441 -0.12 -41.00 -23.08
N PRO B 442 0.62 -39.95 -22.71
CA PRO B 442 -0.04 -38.82 -22.05
C PRO B 442 -1.09 -38.20 -22.95
N ASN B 443 -2.25 -37.93 -22.39
CA ASN B 443 -3.33 -37.34 -23.16
C ASN B 443 -3.79 -36.00 -22.60
N VAL B 444 -4.11 -35.93 -21.31
CA VAL B 444 -4.74 -34.75 -20.74
C VAL B 444 -3.73 -34.04 -19.86
N TYR B 445 -3.72 -32.70 -19.96
CA TYR B 445 -2.79 -31.87 -19.20
C TYR B 445 -2.86 -32.19 -17.72
N HIS B 446 -4.08 -32.20 -17.16
CA HIS B 446 -4.23 -32.45 -15.72
C HIS B 446 -3.72 -33.83 -15.36
N GLU B 447 -3.95 -34.84 -16.22
CA GLU B 447 -3.46 -36.17 -15.91
C GLU B 447 -1.93 -36.21 -15.88
N SER B 448 -1.29 -35.59 -16.87
CA SER B 448 0.17 -35.54 -16.89
C SER B 448 0.69 -34.88 -15.62
N LYS B 449 0.06 -33.78 -15.18
CA LYS B 449 0.47 -33.11 -13.94
C LYS B 449 0.30 -34.03 -12.73
N LEU B 450 -0.84 -34.74 -12.64
CA LEU B 450 -1.09 -35.64 -11.52
C LEU B 450 -0.08 -36.77 -11.47
N ALA B 451 0.49 -37.12 -12.63
CA ALA B 451 1.49 -38.18 -12.67
C ALA B 451 2.72 -37.86 -11.82
N ALA B 452 2.96 -36.60 -11.48
CA ALA B 452 4.17 -36.20 -10.76
C ALA B 452 4.03 -36.48 -9.26
N LYS B 453 3.90 -37.77 -8.93
CA LYS B 453 3.55 -38.24 -7.59
C LYS B 453 4.27 -37.48 -6.46
N GLU B 454 5.62 -37.47 -6.47
CA GLU B 454 6.38 -36.86 -5.38
C GLU B 454 6.18 -35.34 -5.32
N TYR B 455 6.13 -34.68 -6.48
CA TYR B 455 5.86 -33.26 -6.49
C TYR B 455 4.50 -32.97 -5.88
N GLN B 456 3.49 -33.77 -6.26
CA GLN B 456 2.18 -33.53 -5.70
C GLN B 456 2.20 -33.79 -4.18
N ALA B 457 3.07 -34.67 -3.72
CA ALA B 457 3.18 -34.92 -2.27
C ALA B 457 3.85 -33.75 -1.55
N ALA B 458 4.89 -33.17 -2.15
CA ALA B 458 5.51 -31.97 -1.57
C ALA B 458 4.54 -30.80 -1.55
N LYS B 459 3.76 -30.65 -2.62
CA LYS B 459 2.68 -29.67 -2.64
C LYS B 459 1.73 -29.90 -1.47
N ALA B 460 1.37 -31.17 -1.22
CA ALA B 460 0.49 -31.49 -0.10
C ALA B 460 1.11 -31.09 1.24
N ARG B 461 2.40 -31.35 1.44
CA ARG B 461 3.04 -30.95 2.69
C ARG B 461 3.12 -29.43 2.84
N LEU B 462 3.34 -28.71 1.74
CA LEU B 462 3.35 -27.25 1.81
C LEU B 462 1.99 -26.71 2.22
N PHE B 463 0.93 -27.27 1.64
CA PHE B 463 -0.43 -26.85 1.98
C PHE B 463 -0.74 -27.14 3.44
N THR B 464 -0.32 -28.32 3.91
CA THR B 464 -0.46 -28.68 5.32
C THR B 464 0.29 -27.70 6.22
N ALA B 465 1.54 -27.36 5.87
CA ALA B 465 2.33 -26.46 6.70
C ALA B 465 1.64 -25.11 6.84
N PHE B 466 1.10 -24.59 5.73
CA PHE B 466 0.36 -23.32 5.78
C PHE B 466 -0.88 -23.44 6.67
N ILE B 467 -1.64 -24.53 6.55
CA ILE B 467 -2.85 -24.67 7.36
C ILE B 467 -2.48 -24.80 8.85
N LYS B 468 -1.51 -25.64 9.16
CA LYS B 468 -1.15 -25.85 10.56
C LYS B 468 -0.33 -24.71 11.15
N ALA B 469 0.17 -23.78 10.32
CA ALA B 469 0.75 -22.56 10.86
C ALA B 469 -0.31 -21.50 11.13
N GLY B 470 -1.57 -21.77 10.80
CA GLY B 470 -2.63 -20.80 10.97
C GLY B 470 -2.62 -19.70 9.95
N LEU B 471 -2.22 -20.02 8.72
CA LEU B 471 -2.00 -19.00 7.71
C LEU B 471 -2.90 -19.14 6.50
N GLY B 472 -3.65 -20.23 6.38
CA GLY B 472 -4.70 -20.25 5.40
C GLY B 472 -4.63 -21.40 4.43
N ALA B 473 -5.75 -21.67 3.79
CA ALA B 473 -5.83 -22.64 2.72
C ALA B 473 -5.30 -22.03 1.44
N TRP B 474 -4.59 -22.83 0.66
CA TRP B 474 -4.25 -22.41 -0.68
C TRP B 474 -5.51 -22.43 -1.54
N VAL B 475 -5.69 -21.39 -2.35
CA VAL B 475 -6.85 -21.26 -3.23
C VAL B 475 -6.48 -21.95 -4.54
N GLU B 476 -6.89 -23.22 -4.66
CA GLU B 476 -6.61 -24.01 -5.86
C GLU B 476 -7.61 -23.67 -6.95
N LYS B 477 -7.11 -23.14 -8.06
CA LYS B 477 -7.96 -22.73 -9.17
C LYS B 477 -8.59 -23.97 -9.81
N PRO B 478 -9.79 -23.83 -10.39
CA PRO B 478 -10.57 -25.01 -10.76
C PRO B 478 -9.85 -25.84 -11.82
N THR B 479 -9.71 -27.14 -11.53
CA THR B 479 -8.91 -28.05 -12.37
C THR B 479 -9.58 -28.38 -13.70
N GLU B 480 -10.84 -27.97 -13.89
CA GLU B 480 -11.49 -28.07 -15.19
C GLU B 480 -10.79 -27.23 -16.24
N GLN B 481 -10.01 -26.24 -15.80
CA GLN B 481 -9.17 -25.42 -16.67
C GLN B 481 -8.05 -26.23 -17.30
N ASP B 482 -7.66 -27.34 -16.67
CA ASP B 482 -6.58 -28.17 -17.19
C ASP B 482 -7.08 -29.43 -17.91
N GLN B 483 -8.39 -29.57 -18.10
CA GLN B 483 -8.92 -30.72 -18.84
C GLN B 483 -8.99 -30.35 -20.33
N PHE B 484 -7.85 -30.50 -20.98
CA PHE B 484 -7.72 -30.27 -22.41
C PHE B 484 -6.55 -31.09 -22.91
N SER B 485 -6.41 -31.12 -24.23
CA SER B 485 -5.41 -31.98 -24.87
C SER B 485 -4.84 -31.28 -26.09
N LEU B 486 -3.70 -31.79 -26.54
CA LEU B 486 -2.96 -31.11 -27.59
C LEU B 486 -3.71 -31.08 -28.92
N THR B 487 -4.46 -32.14 -29.25
CA THR B 487 -5.22 -32.20 -30.51
C THR B 487 -6.47 -33.10 -30.42
P 8AZ C 13 -8.36 24.08 -4.53
OP2 8AZ C 13 -8.23 25.60 -4.53
OP1 8AZ C 13 -9.70 23.34 -4.34
O5' 8AZ C 13 -7.28 23.56 -3.48
C5' 8AZ C 13 -5.91 23.97 -3.62
C4' 8AZ C 13 -5.15 23.71 -2.35
O4' 8AZ C 13 -6.02 23.99 -1.20
C1' 8AZ C 13 -6.11 22.84 -0.40
N9 8AZ C 13 -7.40 22.76 0.25
N8 8AZ C 13 -8.51 22.83 -0.57
N7 8AZ C 13 -9.64 22.72 0.28
C5 8AZ C 13 -9.18 22.62 1.55
C6 8AZ C 13 -9.97 22.30 2.72
O6 8AZ C 13 -10.55 21.00 2.61
N1 8AZ C 13 -9.12 22.35 3.92
C2 8AZ C 13 -7.64 22.47 3.84
N3 8AZ C 13 -6.99 22.57 2.66
C4 8AZ C 13 -7.70 22.64 1.54
C2' 8AZ C 13 -5.83 21.69 -1.35
O2' 8AZ C 13 -5.51 20.49 -0.63
C3' 8AZ C 13 -4.68 22.28 -2.14
O3' 8AZ C 13 -3.59 22.33 -1.23
P UFT D 7 31.02 23.80 -5.19
OP1 UFT D 7 30.69 23.50 -6.65
OP2 UFT D 7 30.36 25.04 -4.65
O5' UFT D 7 30.49 22.58 -4.27
N1 UFT D 7 30.23 22.84 1.13
C6 UFT D 7 30.20 24.11 0.60
C2 UFT D 7 29.84 22.61 2.43
O2 UFT D 7 29.86 21.49 2.96
N3 UFT D 7 29.43 23.71 3.13
C4 UFT D 7 29.36 25.02 2.65
O4 UFT D 7 28.96 25.91 3.40
C5 UFT D 7 29.79 25.18 1.30
F2' UFT D 7 30.33 19.42 -0.27
C2' UFT D 7 29.68 20.63 -0.03
C5' UFT D 7 30.07 22.90 -2.92
C4' UFT D 7 30.36 21.74 -2.01
O4' UFT D 7 31.17 22.21 -0.92
C1' UFT D 7 30.72 21.69 0.32
C3' UFT D 7 29.11 21.15 -1.34
O3' UFT D 7 28.51 20.15 -2.15
C1 IHP E . -10.50 8.77 10.46
C2 IHP E . -10.91 7.96 11.67
C3 IHP E . -11.98 6.97 11.28
C4 IHP E . -11.44 6.04 10.21
C5 IHP E . -10.91 6.77 9.00
C6 IHP E . -9.93 7.87 9.38
O11 IHP E . -9.47 9.76 10.85
P1 IHP E . -9.48 11.27 10.18
O21 IHP E . -8.40 11.30 9.11
O31 IHP E . -10.89 11.44 9.53
O41 IHP E . -9.26 12.32 11.31
O12 IHP E . -9.78 7.15 12.12
P2 IHP E . -8.82 7.53 13.37
O22 IHP E . -9.67 8.49 14.29
O32 IHP E . -7.54 8.21 12.86
O42 IHP E . -8.49 6.19 14.07
O13 IHP E . -12.21 6.15 12.45
P3 IHP E . -13.51 6.44 13.40
O23 IHP E . -14.73 6.48 12.42
O33 IHP E . -13.61 5.34 14.44
O43 IHP E . -13.17 7.85 14.03
O14 IHP E . -12.53 5.16 9.76
P4 IHP E . -12.74 3.67 10.44
O24 IHP E . -11.44 2.87 10.15
O34 IHP E . -12.98 3.77 11.96
O44 IHP E . -13.98 3.08 9.74
O15 IHP E . -10.21 5.77 8.18
P5 IHP E . -10.88 5.26 6.80
O25 IHP E . -12.43 5.32 6.98
O35 IHP E . -10.40 3.83 6.47
O45 IHP E . -10.37 6.28 5.80
O16 IHP E . -9.78 8.69 8.18
P6 IHP E . -8.38 8.64 7.38
O26 IHP E . -7.36 9.27 8.35
O36 IHP E . -8.11 7.14 7.13
O46 IHP E . -8.60 9.43 6.06
ZN ZN F . -9.77 19.09 2.71
C1 EDO G . -7.49 28.25 0.33
O1 EDO G . -8.62 28.59 -0.46
C2 EDO G . -6.49 27.39 -0.42
O2 EDO G . -5.59 28.17 -1.18
C1 EDO H . -0.99 13.35 25.16
O1 EDO H . -1.30 14.72 25.38
C2 EDO H . -0.11 13.20 23.94
O2 EDO H . 0.42 11.89 23.90
C1 EDO I . -14.67 39.81 10.63
O1 EDO I . -15.41 39.54 9.45
C2 EDO I . -14.37 38.56 11.45
O2 EDO I . -13.07 38.03 11.15
NA NA J . -11.61 2.42 7.98
C1 IHP K . 0.75 -22.12 -11.77
C2 IHP K . 1.04 -23.48 -12.36
C3 IHP K . 0.80 -24.54 -11.29
C4 IHP K . -0.64 -24.52 -10.83
C5 IHP K . -1.05 -23.13 -10.35
C6 IHP K . -0.72 -22.08 -11.40
O11 IHP K . 0.97 -21.07 -12.77
P1 IHP K . 1.48 -19.56 -12.41
O21 IHP K . 0.64 -18.57 -13.22
O31 IHP K . 1.34 -19.36 -10.90
O41 IHP K . 2.93 -19.56 -12.85
O12 IHP K . 0.05 -23.72 -13.42
P2 IHP K . 0.54 -24.02 -14.93
O22 IHP K . 1.86 -24.75 -14.63
O32 IHP K . 0.70 -22.69 -15.66
O42 IHP K . -0.49 -24.92 -15.62
O13 IHP K . 1.08 -25.85 -11.87
P3 IHP K . 2.40 -26.61 -11.35
O23 IHP K . 3.58 -25.70 -11.65
O33 IHP K . 2.25 -26.86 -9.86
O43 IHP K . 2.40 -27.88 -12.19
O14 IHP K . -0.82 -25.44 -9.70
P4 IHP K . -1.49 -26.91 -9.85
O24 IHP K . -0.34 -27.89 -9.60
O34 IHP K . -2.59 -27.01 -8.79
O44 IHP K . -2.06 -27.06 -11.27
O15 IHP K . -2.50 -23.15 -10.14
P5 IHP K . -3.17 -23.27 -8.68
O25 IHP K . -2.45 -24.34 -7.89
O35 IHP K . -4.60 -23.65 -9.02
O45 IHP K . -3.07 -21.92 -8.01
O16 IHP K . -1.02 -20.76 -10.85
P6 IHP K . -2.26 -19.98 -11.49
O26 IHP K . -1.94 -19.57 -12.92
O36 IHP K . -3.37 -21.02 -11.46
O46 IHP K . -2.50 -18.82 -10.55
ZN ZN L . 2.81 -9.95 -7.44
#